data_9QGA
#
_entry.id   9QGA
#
_cell.length_a   111.919
_cell.length_b   111.919
_cell.length_c   241.758
_cell.angle_alpha   90.00
_cell.angle_beta   90.00
_cell.angle_gamma   90.00
#
_symmetry.space_group_name_H-M   'P 43 21 2'
#
loop_
_entity.id
_entity.type
_entity.pdbx_description
1 polymer 'Myeloperoxidase light chain'
2 polymer 'Myeloperoxidase inhibitor SPIN'
3 polymer 'Myeloperoxidase heavy chain'
4 branched 2-acetamido-2-deoxy-beta-D-glucopyranose-(1-4)-2-acetamido-2-deoxy-beta-D-glucopyranose
5 branched alpha-D-mannopyranose-(1-6)-beta-D-mannopyranose-(1-4)-2-acetamido-2-deoxy-beta-D-glucopyranose-(1-4)-[alpha-L-fucopyranose-(1-6)]2-acetamido-2-deoxy-beta-D-glucopyranose
6 non-polymer 'PROTOPORPHYRIN IX CONTAINING FE'
7 non-polymer 'BROMIDE ION'
8 non-polymer 2-acetamido-2-deoxy-beta-D-glucopyranose
9 non-polymer 'CALCIUM ION'
10 water water
#
loop_
_entity_poly.entity_id
_entity_poly.type
_entity_poly.pdbx_seq_one_letter_code
_entity_poly.pdbx_strand_id
1 'polypeptide(L)'
;VTCPEQDKYRTITGMCNNRRSPTLGASNRAFVRWLPAEYEDGFSLPYGWTPGVKRNGFPVALARAVSNEIVRFPTDQLTP
DQERSLMFMQWGQLLDHDLDFTPEPAARASFVTG
;
A,C
2 'polypeptide(L)' ANFLEHELSYIDVLLDKNADQATKDNLRSYFADKGLHSIKDIINKAKQDGFDVSKYEHVK E,F
3 'polypeptide(L)'
;VNCETSCVQQPPCFPLKIPPNDPRIKNQADCIPFFRS(CSO)PACPGSNITIRNQINALTSFVDASMVYGSEEPLARNLR
NMSNQLGLLAVNQRFQDNGRALLPFDNLHDDPCLLTNRSARIPCFLAGDTRSSEMPELTSMHTLLLREHNRLATELKSLN
PRWDGERLYQEARKIVGAMVQIITYRDYLPLVLGPTAMRKYLPTYRSYNDSVDPRIANVFTNAFRYGHTLIQPFMFRLDN
RYQPMEPNPRVPLSRVFFASWRVVLEGGIDPILRGLMATPAKLNRQNQIAVDEIRERLFEQVMRIGLDLPALNMQRSRDH
GLPGYNAWRRFCGLPQPETVGQLGTVLRNLKLARKLMEQYGTPNNIDIWMGGVSEPLKRKGRVGPLLACIIGTQFRKLRD
GDRFWWENEGVFSMQQRQALAQISLPRIICDNTGITTVSKNNIFMSNSYPRDFVNCSTLPALNLASWREAS
;
B,D
#
# COMPACT_ATOMS: atom_id res chain seq x y z
N CYS A 3 -8.49 13.97 -15.78
CA CYS A 3 -7.52 15.10 -15.68
C CYS A 3 -7.48 15.84 -17.01
N PRO A 4 -7.73 17.16 -17.05
CA PRO A 4 -7.59 17.91 -18.30
C PRO A 4 -6.12 17.93 -18.71
N GLU A 5 -5.86 18.10 -20.01
CA GLU A 5 -4.55 17.82 -20.59
C GLU A 5 -3.64 19.05 -20.48
N GLN A 6 -4.20 20.23 -20.80
CA GLN A 6 -3.57 21.47 -20.38
C GLN A 6 -4.25 21.87 -19.08
N ASP A 7 -3.46 22.41 -18.15
CA ASP A 7 -3.96 23.20 -17.05
C ASP A 7 -2.87 24.24 -16.79
N LYS A 8 -3.04 25.17 -15.85
CA LYS A 8 -1.96 26.11 -15.59
C LYS A 8 -1.74 26.37 -14.11
N TYR A 9 -2.68 25.95 -13.26
CA TYR A 9 -2.51 26.16 -11.84
C TYR A 9 -2.76 24.83 -11.15
N ARG A 10 -2.32 24.74 -9.90
CA ARG A 10 -2.58 23.60 -9.03
C ARG A 10 -4.08 23.57 -8.75
N THR A 11 -4.64 22.37 -8.69
CA THR A 11 -5.94 22.17 -8.08
C THR A 11 -5.78 22.41 -6.57
N ILE A 12 -6.90 22.71 -5.92
CA ILE A 12 -6.91 22.86 -4.46
C ILE A 12 -6.64 21.51 -3.79
N THR A 13 -7.22 20.43 -4.32
CA THR A 13 -7.15 19.14 -3.65
C THR A 13 -5.83 18.41 -3.91
N GLY A 14 -5.08 18.89 -4.90
CA GLY A 14 -3.86 18.24 -5.34
C GLY A 14 -4.10 17.19 -6.42
N MET A 15 -5.36 16.89 -6.75
CA MET A 15 -5.69 15.99 -7.84
C MET A 15 -5.02 16.48 -9.14
N CYS A 16 -4.55 15.51 -9.92
CA CYS A 16 -4.08 15.72 -11.28
C CYS A 16 -2.66 16.31 -11.33
N ASN A 17 -2.00 16.47 -10.19
CA ASN A 17 -0.59 16.82 -10.17
C ASN A 17 0.21 15.77 -10.93
N ASN A 18 -0.02 14.51 -10.55
CA ASN A 18 0.49 13.36 -11.26
C ASN A 18 -0.57 12.89 -12.26
N ARG A 19 -0.30 13.04 -13.55
CA ARG A 19 -1.30 12.71 -14.56
C ARG A 19 -1.56 11.21 -14.61
N ARG A 20 -0.54 10.36 -14.50
CA ARG A 20 -0.73 8.92 -14.61
C ARG A 20 -1.40 8.31 -13.38
N SER A 21 -1.24 8.91 -12.20
CA SER A 21 -1.87 8.42 -10.98
C SER A 21 -2.38 9.61 -10.19
N PRO A 22 -3.52 10.19 -10.63
CA PRO A 22 -3.92 11.54 -10.23
C PRO A 22 -4.38 11.76 -8.79
N THR A 23 -4.50 10.71 -7.95
CA THR A 23 -4.71 10.97 -6.52
C THR A 23 -3.40 11.21 -5.78
N LEU A 24 -2.22 10.96 -6.36
CA LEU A 24 -1.00 10.95 -5.57
C LEU A 24 -0.68 12.36 -5.10
N GLY A 25 -0.67 12.53 -3.77
CA GLY A 25 -0.42 13.81 -3.12
C GLY A 25 -1.68 14.63 -2.95
N ALA A 26 -2.84 14.08 -3.33
CA ALA A 26 -4.09 14.78 -3.14
C ALA A 26 -4.59 14.51 -1.73
N SER A 27 -5.54 15.35 -1.30
CA SER A 27 -6.12 15.35 0.04
C SER A 27 -7.15 14.22 0.20
N ASN A 28 -7.30 13.75 1.45
CA ASN A 28 -8.24 12.70 1.87
C ASN A 28 -7.94 11.37 1.17
N ARG A 29 -6.67 10.98 1.23
CA ARG A 29 -6.17 9.73 0.72
C ARG A 29 -5.26 9.08 1.77
N ALA A 30 -5.13 7.76 1.66
CA ALA A 30 -4.30 6.98 2.57
C ALA A 30 -2.82 7.38 2.43
N PHE A 31 -2.11 7.43 3.56
CA PHE A 31 -0.68 7.65 3.51
C PHE A 31 -0.04 6.46 2.77
N VAL A 32 1.08 6.71 2.12
CA VAL A 32 1.90 5.63 1.60
C VAL A 32 2.68 5.01 2.76
N ARG A 33 2.83 3.68 2.70
CA ARG A 33 3.59 2.94 3.69
C ARG A 33 4.95 2.60 3.11
N TRP A 34 6.03 3.04 3.75
CA TRP A 34 7.37 2.66 3.33
C TRP A 34 7.81 1.33 3.95
N LEU A 35 7.23 0.95 5.09
CA LEU A 35 7.40 -0.38 5.66
C LEU A 35 6.04 -1.01 5.96
N PRO A 36 5.91 -2.35 5.90
CA PRO A 36 4.68 -3.00 6.36
C PRO A 36 4.36 -2.66 7.80
N ALA A 37 3.07 -2.53 8.11
CA ALA A 37 2.62 -2.11 9.43
C ALA A 37 2.84 -3.21 10.47
N GLU A 38 2.87 -2.81 11.74
CA GLU A 38 3.06 -3.74 12.84
C GLU A 38 2.01 -3.45 13.89
N TYR A 39 0.97 -4.29 13.86
CA TYR A 39 -0.10 -4.28 14.84
C TYR A 39 -0.04 -5.55 15.68
N GLU A 40 -0.63 -5.47 16.87
CA GLU A 40 -0.70 -6.56 17.83
C GLU A 40 -1.28 -7.83 17.20
N ASP A 41 -2.37 -7.68 16.45
CA ASP A 41 -3.08 -8.78 15.82
C ASP A 41 -2.70 -8.91 14.34
N GLY A 42 -1.72 -8.13 13.88
CA GLY A 42 -1.29 -8.21 12.49
C GLY A 42 -1.92 -7.17 11.56
N PHE A 43 -3.13 -6.70 11.87
CA PHE A 43 -3.87 -5.92 10.89
C PHE A 43 -4.59 -4.69 11.46
N SER A 44 -4.74 -4.55 12.79
CA SER A 44 -5.56 -3.45 13.28
C SER A 44 -5.20 -2.96 14.69
N LEU A 45 -5.07 -3.87 15.64
CA LEU A 45 -4.95 -3.47 17.04
C LEU A 45 -3.53 -3.01 17.34
N PRO A 46 -3.38 -1.82 17.96
CA PRO A 46 -2.07 -1.27 18.24
C PRO A 46 -1.38 -2.02 19.38
N TYR A 47 -0.04 -2.03 19.34
CA TYR A 47 0.76 -2.55 20.43
C TYR A 47 0.39 -1.75 21.67
N GLY A 48 0.15 -2.49 22.77
CA GLY A 48 -0.29 -1.91 24.02
C GLY A 48 -1.79 -2.03 24.25
N TRP A 49 -2.57 -2.44 23.23
CA TRP A 49 -4.02 -2.57 23.34
C TRP A 49 -4.45 -3.65 24.36
N THR A 50 -3.95 -4.87 24.20
CA THR A 50 -4.43 -5.99 25.01
C THR A 50 -3.49 -6.23 26.20
N PRO A 51 -3.98 -6.23 27.45
CA PRO A 51 -3.12 -6.52 28.59
C PRO A 51 -2.40 -7.87 28.45
N GLY A 52 -1.08 -7.86 28.55
CA GLY A 52 -0.30 -9.09 28.60
C GLY A 52 0.32 -9.46 27.26
N VAL A 53 -0.11 -8.84 26.15
CA VAL A 53 0.41 -9.20 24.83
C VAL A 53 1.76 -8.49 24.57
N LYS A 54 2.81 -9.27 24.34
CA LYS A 54 4.14 -8.70 24.20
C LYS A 54 4.35 -8.16 22.79
N ARG A 55 5.44 -7.40 22.61
CA ARG A 55 5.90 -7.03 21.28
C ARG A 55 7.29 -7.63 21.05
N ASN A 56 7.39 -8.58 20.11
CA ASN A 56 8.68 -9.11 19.68
C ASN A 56 9.47 -9.54 20.93
N GLY A 57 8.79 -10.20 21.87
CA GLY A 57 9.47 -10.77 23.02
C GLY A 57 9.36 -9.98 24.31
N PHE A 58 8.85 -8.73 24.32
CA PHE A 58 8.98 -7.90 25.52
C PHE A 58 7.71 -7.12 25.81
N PRO A 59 7.43 -6.77 27.10
CA PRO A 59 6.31 -5.91 27.45
C PRO A 59 6.35 -4.55 26.75
N VAL A 60 5.16 -4.08 26.37
CA VAL A 60 4.99 -2.77 25.77
C VAL A 60 5.06 -1.75 26.89
N ALA A 61 5.99 -0.81 26.77
CA ALA A 61 6.10 0.24 27.76
C ALA A 61 4.99 1.27 27.57
N LEU A 62 4.28 1.60 28.66
CA LEU A 62 3.41 2.76 28.68
C LEU A 62 4.15 3.97 28.10
N ALA A 63 3.51 4.63 27.13
CA ALA A 63 4.04 5.85 26.55
C ALA A 63 4.31 6.91 27.61
N ARG A 64 3.41 7.05 28.58
CA ARG A 64 3.59 8.03 29.64
C ARG A 64 4.77 7.67 30.56
N ALA A 65 5.07 6.38 30.74
CA ALA A 65 6.24 5.97 31.51
C ALA A 65 7.53 6.33 30.77
N VAL A 66 7.58 6.07 29.46
CA VAL A 66 8.73 6.44 28.66
C VAL A 66 8.94 7.95 28.76
N SER A 67 7.87 8.73 28.64
CA SER A 67 7.96 10.17 28.76
C SER A 67 8.48 10.59 30.14
N ASN A 68 7.98 9.94 31.20
CA ASN A 68 8.41 10.28 32.55
C ASN A 68 9.90 10.01 32.78
N GLU A 69 10.42 8.92 32.19
CA GLU A 69 11.72 8.41 32.58
C GLU A 69 12.83 8.88 31.64
N ILE A 70 12.48 9.34 30.44
CA ILE A 70 13.48 9.66 29.42
C ILE A 70 13.36 11.11 28.97
N VAL A 71 12.12 11.61 28.84
CA VAL A 71 11.90 12.89 28.20
C VAL A 71 11.94 14.04 29.21
N ARG A 72 11.38 13.83 30.40
CA ARG A 72 11.27 14.85 31.42
C ARG A 72 12.65 15.33 31.88
N PHE A 73 12.77 16.65 32.07
CA PHE A 73 13.97 17.26 32.61
C PHE A 73 13.57 18.56 33.30
N PRO A 74 14.40 19.08 34.25
CA PRO A 74 14.13 20.38 34.86
C PRO A 74 14.17 21.52 33.87
N THR A 75 13.04 22.20 33.69
CA THR A 75 12.81 23.13 32.60
C THR A 75 13.65 24.41 32.75
N ASP A 76 14.08 24.75 33.98
CA ASP A 76 14.96 25.90 34.18
C ASP A 76 16.39 25.60 33.76
N GLN A 77 16.71 24.37 33.35
CA GLN A 77 18.06 24.01 32.93
C GLN A 77 18.15 23.98 31.41
N LEU A 78 17.08 24.39 30.74
CA LEU A 78 17.01 24.39 29.29
C LEU A 78 18.25 25.06 28.68
N THR A 79 18.77 24.46 27.61
CA THR A 79 19.90 24.96 26.85
C THR A 79 19.42 25.73 25.63
N PRO A 80 19.58 27.08 25.54
CA PRO A 80 19.24 27.79 24.33
C PRO A 80 20.12 27.35 23.17
N ASP A 81 19.55 27.36 21.95
CA ASP A 81 20.33 27.02 20.77
C ASP A 81 21.02 28.28 20.27
N GLN A 82 22.34 28.34 20.42
CA GLN A 82 23.08 29.50 19.96
C GLN A 82 22.88 29.78 18.47
N GLU A 83 22.55 28.78 17.66
CA GLU A 83 22.59 28.97 16.23
C GLU A 83 21.25 28.73 15.55
N ARG A 84 20.17 28.65 16.34
CA ARG A 84 18.83 28.63 15.76
C ARG A 84 17.93 29.61 16.53
N SER A 85 17.08 30.32 15.78
CA SER A 85 16.05 31.17 16.33
C SER A 85 14.80 30.34 16.61
N LEU A 86 13.88 30.93 17.37
CA LEU A 86 12.61 30.28 17.63
C LEU A 86 11.77 30.21 16.33
N MET A 87 12.08 31.07 15.36
CA MET A 87 11.44 31.07 14.05
C MET A 87 11.69 29.75 13.30
N PHE A 88 12.84 29.12 13.57
CA PHE A 88 13.19 27.80 13.09
C PHE A 88 12.21 26.77 13.64
N MET A 89 11.78 26.93 14.88
CA MET A 89 10.79 26.01 15.41
C MET A 89 9.48 26.26 14.68
N GLN A 90 9.11 27.52 14.55
CA GLN A 90 7.78 27.90 14.13
C GLN A 90 7.54 27.65 12.64
N TRP A 91 8.59 27.81 11.82
CA TRP A 91 8.49 27.46 10.41
C TRP A 91 8.27 25.96 10.23
N GLY A 92 8.82 25.17 11.16
CA GLY A 92 8.67 23.72 11.10
C GLY A 92 7.21 23.31 11.29
N GLN A 93 6.55 23.96 12.25
CA GLN A 93 5.16 23.64 12.55
C GLN A 93 4.27 24.08 11.37
N LEU A 94 4.52 25.31 10.89
CA LEU A 94 3.79 25.86 9.74
C LEU A 94 3.90 24.91 8.54
N LEU A 95 5.13 24.43 8.30
CA LEU A 95 5.42 23.58 7.15
C LEU A 95 4.70 22.26 7.30
N ASP A 96 4.79 21.67 8.50
CA ASP A 96 4.08 20.42 8.79
C ASP A 96 2.61 20.58 8.42
N HIS A 97 2.04 21.75 8.73
CA HIS A 97 0.65 22.06 8.50
C HIS A 97 0.34 22.26 7.00
N ASP A 98 1.37 22.35 6.16
CA ASP A 98 1.24 22.31 4.71
C ASP A 98 1.19 20.87 4.20
N LEU A 99 1.71 19.91 5.01
CA LEU A 99 2.05 18.59 4.50
C LEU A 99 1.05 17.53 4.97
N ASP A 100 0.67 17.48 6.26
CA ASP A 100 -0.15 16.38 6.77
C ASP A 100 -1.05 16.77 7.96
N PHE A 101 -2.32 16.33 7.87
CA PHE A 101 -3.23 16.28 8.99
C PHE A 101 -3.92 14.91 8.98
N THR A 102 -3.80 14.20 10.11
CA THR A 102 -4.38 12.88 10.24
C THR A 102 -5.69 13.01 11.01
N PRO A 103 -6.87 12.92 10.37
CA PRO A 103 -8.11 13.04 11.12
C PRO A 103 -8.35 11.94 12.15
N GLU A 104 -9.19 12.33 13.12
CA GLU A 104 -9.66 11.55 14.26
C GLU A 104 -11.17 11.57 14.24
N PRO A 105 -11.93 10.56 14.74
CA PRO A 105 -13.37 10.71 14.85
C PRO A 105 -13.71 11.75 15.91
N ALA A 106 -14.85 12.41 15.75
CA ALA A 106 -15.28 13.41 16.70
C ALA A 106 -16.02 12.71 17.84
N ALA A 107 -15.93 13.26 19.06
CA ALA A 107 -16.79 12.81 20.14
C ALA A 107 -18.23 13.22 19.82
N CYS B 3 -0.02 -14.92 17.79
CA CYS B 3 1.20 -15.39 17.06
C CYS B 3 2.16 -16.03 18.07
N PRO B 4 2.24 -17.39 18.19
CA PRO B 4 3.02 -18.00 19.27
C PRO B 4 4.52 -17.82 19.11
N GLU B 5 5.22 -17.85 20.26
CA GLU B 5 6.64 -17.53 20.34
C GLU B 5 7.50 -18.76 20.00
N GLN B 6 6.92 -19.96 20.00
CA GLN B 6 7.61 -21.10 19.41
C GLN B 6 6.59 -21.99 18.71
N ASP B 7 6.93 -22.37 17.47
CA ASP B 7 6.08 -23.24 16.66
C ASP B 7 7.00 -24.24 15.97
N LYS B 8 6.43 -25.14 15.16
CA LYS B 8 7.20 -26.21 14.54
C LYS B 8 6.92 -26.39 13.06
N TYR B 9 5.74 -25.97 12.57
CA TYR B 9 5.36 -26.17 11.18
C TYR B 9 4.64 -24.93 10.69
N ARG B 10 4.45 -24.85 9.37
CA ARG B 10 3.69 -23.76 8.76
C ARG B 10 2.25 -23.80 9.27
N THR B 11 1.64 -22.62 9.42
CA THR B 11 0.19 -22.52 9.48
C THR B 11 -0.32 -22.83 8.07
N ILE B 12 -1.62 -23.11 7.99
CA ILE B 12 -2.26 -23.38 6.69
C ILE B 12 -2.39 -22.06 5.93
N THR B 13 -2.77 -20.99 6.64
CA THR B 13 -3.16 -19.72 6.02
C THR B 13 -1.94 -18.87 5.72
N GLY B 14 -0.79 -19.21 6.32
CA GLY B 14 0.41 -18.40 6.18
C GLY B 14 0.59 -17.37 7.30
N MET B 15 -0.44 -17.18 8.16
CA MET B 15 -0.32 -16.27 9.29
C MET B 15 0.91 -16.70 10.09
N CYS B 16 1.68 -15.70 10.53
CA CYS B 16 2.72 -15.88 11.53
C CYS B 16 4.05 -16.34 10.94
N ASN B 17 4.16 -16.51 9.63
CA ASN B 17 5.43 -16.80 8.98
C ASN B 17 6.39 -15.66 9.34
N ASN B 18 5.92 -14.43 9.14
CA ASN B 18 6.60 -13.22 9.56
C ASN B 18 6.08 -12.77 10.93
N ARG B 19 6.92 -12.85 11.97
CA ARG B 19 6.44 -12.60 13.32
C ARG B 19 6.12 -11.12 13.53
N ARG B 20 6.89 -10.20 12.94
CA ARG B 20 6.69 -8.78 13.19
C ARG B 20 5.46 -8.26 12.44
N SER B 21 5.17 -8.82 11.27
CA SER B 21 3.99 -8.38 10.53
C SER B 21 3.23 -9.63 10.04
N PRO B 22 2.46 -10.26 10.94
CA PRO B 22 2.03 -11.64 10.75
C PRO B 22 1.07 -11.95 9.61
N THR B 23 0.48 -10.97 8.92
CA THR B 23 -0.38 -11.25 7.78
C THR B 23 0.45 -11.39 6.48
N LEU B 24 1.73 -11.06 6.53
CA LEU B 24 2.51 -10.94 5.32
C LEU B 24 2.70 -12.33 4.71
N GLY B 25 2.15 -12.52 3.51
CA GLY B 25 2.22 -13.78 2.81
C GLY B 25 1.06 -14.71 3.15
N ALA B 26 0.19 -14.26 4.05
CA ALA B 26 -0.99 -15.03 4.41
C ALA B 26 -2.12 -14.80 3.39
N SER B 27 -3.08 -15.73 3.40
CA SER B 27 -4.16 -15.77 2.44
C SER B 27 -5.25 -14.75 2.79
N ASN B 28 -6.00 -14.34 1.75
CA ASN B 28 -7.15 -13.45 1.88
C ASN B 28 -6.69 -12.10 2.41
N ARG B 29 -5.64 -11.60 1.76
CA ARG B 29 -5.01 -10.31 2.02
C ARG B 29 -4.75 -9.67 0.67
N ALA B 30 -4.57 -8.35 0.68
CA ALA B 30 -4.35 -7.58 -0.52
C ALA B 30 -2.94 -7.81 -1.05
N PHE B 31 -2.81 -7.88 -2.37
CA PHE B 31 -1.54 -7.80 -3.05
C PHE B 31 -0.79 -6.56 -2.57
N VAL B 32 0.53 -6.63 -2.56
CA VAL B 32 1.34 -5.44 -2.37
C VAL B 32 1.46 -4.76 -3.73
N ARG B 33 1.62 -3.44 -3.72
CA ARG B 33 1.86 -2.65 -4.92
C ARG B 33 3.34 -2.26 -5.00
N TRP B 34 4.02 -2.63 -6.10
CA TRP B 34 5.36 -2.13 -6.38
C TRP B 34 5.33 -0.76 -7.05
N LEU B 35 4.21 -0.43 -7.71
CA LEU B 35 4.02 0.89 -8.30
C LEU B 35 2.64 1.39 -7.92
N PRO B 36 2.44 2.72 -7.82
CA PRO B 36 1.11 3.30 -7.68
C PRO B 36 0.16 2.85 -8.79
N ALA B 37 -1.10 2.54 -8.42
CA ALA B 37 -2.06 2.06 -9.39
C ALA B 37 -2.43 3.19 -10.36
N GLU B 38 -2.79 2.80 -11.58
CA GLU B 38 -3.18 3.74 -12.62
C GLU B 38 -4.60 3.41 -13.09
N TYR B 39 -5.57 4.20 -12.63
CA TYR B 39 -6.98 4.03 -12.93
C TYR B 39 -7.51 5.25 -13.71
N GLU B 40 -8.57 5.03 -14.49
CA GLU B 40 -9.17 6.07 -15.30
C GLU B 40 -9.51 7.31 -14.47
N ASP B 41 -10.05 7.09 -13.27
CA ASP B 41 -10.48 8.12 -12.35
C ASP B 41 -9.53 8.26 -11.15
N GLY B 42 -8.31 7.71 -11.23
CA GLY B 42 -7.39 7.84 -10.13
C GLY B 42 -7.48 6.69 -9.13
N PHE B 43 -8.69 6.16 -8.86
CA PHE B 43 -8.85 5.30 -7.68
C PHE B 43 -9.63 4.00 -7.92
N SER B 44 -10.30 3.78 -9.07
CA SER B 44 -11.20 2.64 -9.12
C SER B 44 -11.49 2.13 -10.54
N LEU B 45 -11.85 3.03 -11.45
CA LEU B 45 -12.37 2.66 -12.76
C LEU B 45 -11.20 2.27 -13.67
N PRO B 46 -11.28 1.12 -14.38
CA PRO B 46 -10.23 0.72 -15.30
C PRO B 46 -10.25 1.54 -16.58
N TYR B 47 -9.07 1.82 -17.14
CA TYR B 47 -8.92 2.32 -18.50
C TYR B 47 -9.71 1.42 -19.44
N GLY B 48 -10.56 2.04 -20.27
CA GLY B 48 -11.44 1.28 -21.14
C GLY B 48 -12.90 1.36 -20.68
N TRP B 49 -13.14 1.87 -19.47
CA TRP B 49 -14.47 1.90 -18.87
C TRP B 49 -15.35 2.93 -19.58
N THR B 50 -14.95 4.20 -19.52
CA THR B 50 -15.75 5.28 -20.03
C THR B 50 -15.35 5.57 -21.49
N PRO B 51 -16.27 5.38 -22.47
CA PRO B 51 -15.97 5.73 -23.86
C PRO B 51 -15.49 7.17 -24.02
N GLY B 52 -14.43 7.36 -24.80
CA GLY B 52 -13.91 8.69 -25.06
C GLY B 52 -12.77 9.11 -24.12
N VAL B 53 -12.57 8.39 -23.00
CA VAL B 53 -11.56 8.78 -22.03
C VAL B 53 -10.25 8.08 -22.38
N LYS B 54 -9.23 8.91 -22.64
CA LYS B 54 -7.94 8.46 -23.11
C LYS B 54 -7.05 8.08 -21.94
N ARG B 55 -5.97 7.35 -22.25
CA ARG B 55 -4.93 7.03 -21.29
C ARG B 55 -3.66 7.76 -21.71
N ASN B 56 -3.24 8.73 -20.87
CA ASN B 56 -1.96 9.39 -21.05
C ASN B 56 -1.86 9.95 -22.48
N GLY B 57 -2.98 10.39 -23.06
CA GLY B 57 -2.95 11.17 -24.30
C GLY B 57 -3.46 10.41 -25.53
N PHE B 58 -3.80 9.11 -25.37
CA PHE B 58 -4.07 8.25 -26.51
C PHE B 58 -5.23 7.32 -26.18
N PRO B 59 -6.08 6.98 -27.18
CA PRO B 59 -7.25 6.14 -26.94
C PRO B 59 -6.86 4.77 -26.43
N VAL B 60 -7.72 4.17 -25.62
CA VAL B 60 -7.44 2.85 -25.10
C VAL B 60 -7.73 1.83 -26.19
N ALA B 61 -6.79 0.91 -26.41
CA ALA B 61 -6.98 -0.15 -27.40
C ALA B 61 -7.80 -1.27 -26.78
N LEU B 62 -8.85 -1.71 -27.50
CA LEU B 62 -9.59 -2.90 -27.12
C LEU B 62 -8.63 -4.08 -26.96
N ALA B 63 -8.75 -4.81 -25.84
CA ALA B 63 -7.90 -5.95 -25.58
C ALA B 63 -8.04 -7.01 -26.67
N ARG B 64 -9.28 -7.26 -27.11
CA ARG B 64 -9.53 -8.20 -28.18
C ARG B 64 -8.86 -7.71 -29.48
N ALA B 65 -8.84 -6.40 -29.72
CA ALA B 65 -8.25 -5.83 -30.92
C ALA B 65 -6.73 -6.07 -30.92
N VAL B 66 -6.09 -5.92 -29.75
CA VAL B 66 -4.67 -6.16 -29.61
C VAL B 66 -4.39 -7.64 -29.87
N SER B 67 -5.23 -8.50 -29.28
CA SER B 67 -5.04 -9.93 -29.42
C SER B 67 -5.14 -10.33 -30.89
N ASN B 68 -6.06 -9.71 -31.62
CA ASN B 68 -6.29 -10.02 -33.04
C ASN B 68 -5.08 -9.64 -33.88
N GLU B 69 -4.49 -8.47 -33.63
CA GLU B 69 -3.46 -7.94 -34.51
C GLU B 69 -2.09 -8.52 -34.15
N ILE B 70 -1.83 -8.74 -32.86
CA ILE B 70 -0.47 -9.01 -32.40
C ILE B 70 -0.30 -10.49 -32.08
N VAL B 71 -1.29 -11.09 -31.41
CA VAL B 71 -1.12 -12.40 -30.81
C VAL B 71 -1.52 -13.50 -31.81
N ARG B 72 -2.56 -13.25 -32.63
CA ARG B 72 -3.09 -14.27 -33.52
C ARG B 72 -2.00 -14.75 -34.48
N PHE B 73 -1.82 -16.06 -34.58
CA PHE B 73 -0.97 -16.58 -35.64
C PHE B 73 -1.56 -17.88 -36.19
N PRO B 74 -1.15 -18.30 -37.42
CA PRO B 74 -1.54 -19.59 -37.98
C PRO B 74 -0.88 -20.75 -37.24
N THR B 75 -1.72 -21.61 -36.66
CA THR B 75 -1.27 -22.68 -35.78
C THR B 75 -0.32 -23.63 -36.51
N ASP B 76 -0.39 -23.69 -37.85
CA ASP B 76 0.49 -24.55 -38.62
C ASP B 76 1.94 -24.05 -38.56
N GLN B 77 2.14 -22.81 -38.12
CA GLN B 77 3.48 -22.20 -38.03
C GLN B 77 4.12 -22.49 -36.67
N LEU B 78 3.33 -23.05 -35.74
CA LEU B 78 3.81 -23.26 -34.38
C LEU B 78 5.24 -23.81 -34.42
N THR B 79 6.15 -23.18 -33.66
CA THR B 79 7.52 -23.63 -33.55
C THR B 79 7.69 -24.45 -32.27
N PRO B 80 8.05 -25.74 -32.32
CA PRO B 80 8.39 -26.47 -31.09
C PRO B 80 9.69 -25.99 -30.46
N ASP B 81 9.77 -26.04 -29.12
CA ASP B 81 10.97 -25.64 -28.38
C ASP B 81 11.87 -26.86 -28.26
N GLN B 82 13.05 -26.80 -28.90
CA GLN B 82 13.93 -27.95 -28.93
C GLN B 82 14.45 -28.27 -27.52
N GLU B 83 14.38 -27.27 -26.62
CA GLU B 83 15.11 -27.32 -25.37
C GLU B 83 14.18 -27.17 -24.15
N ARG B 84 12.87 -27.24 -24.36
CA ARG B 84 11.93 -27.22 -23.26
C ARG B 84 10.81 -28.23 -23.49
N SER B 85 10.54 -29.04 -22.46
CA SER B 85 9.43 -29.99 -22.48
C SER B 85 8.12 -29.27 -22.19
N LEU B 86 7.02 -29.99 -22.39
CA LEU B 86 5.71 -29.43 -22.09
C LEU B 86 5.51 -29.44 -20.58
N MET B 87 6.24 -30.34 -19.90
CA MET B 87 6.28 -30.34 -18.45
C MET B 87 6.80 -29.01 -17.93
N PHE B 88 7.57 -28.29 -18.75
CA PHE B 88 8.05 -26.97 -18.40
C PHE B 88 6.89 -25.97 -18.32
N MET B 89 5.96 -26.01 -19.27
CA MET B 89 4.76 -25.16 -19.20
C MET B 89 3.96 -25.51 -17.95
N GLN B 90 3.80 -26.82 -17.71
CA GLN B 90 2.82 -27.32 -16.77
C GLN B 90 3.23 -27.07 -15.33
N TRP B 91 4.53 -27.20 -15.03
CA TRP B 91 5.01 -26.89 -13.70
C TRP B 91 4.76 -25.43 -13.38
N GLY B 92 4.85 -24.55 -14.39
CA GLY B 92 4.66 -23.13 -14.18
C GLY B 92 3.23 -22.78 -13.75
N GLN B 93 2.25 -23.51 -14.33
CA GLN B 93 0.86 -23.33 -13.97
C GLN B 93 0.62 -23.93 -12.60
N LEU B 94 1.22 -25.11 -12.35
CA LEU B 94 1.10 -25.73 -11.05
C LEU B 94 1.67 -24.80 -9.98
N LEU B 95 2.81 -24.16 -10.29
CA LEU B 95 3.51 -23.28 -9.37
C LEU B 95 2.72 -22.00 -9.12
N ASP B 96 2.22 -21.40 -10.21
CA ASP B 96 1.32 -20.26 -10.14
C ASP B 96 0.19 -20.58 -9.15
N HIS B 97 -0.34 -21.81 -9.18
CA HIS B 97 -1.47 -22.15 -8.32
C HIS B 97 -1.07 -22.34 -6.84
N ASP B 98 0.23 -22.26 -6.54
CA ASP B 98 0.74 -22.29 -5.18
C ASP B 98 0.85 -20.86 -4.62
N LEU B 99 0.90 -19.87 -5.53
CA LEU B 99 1.32 -18.50 -5.25
C LEU B 99 0.16 -17.51 -5.20
N ASP B 100 -0.71 -17.50 -6.23
CA ASP B 100 -1.76 -16.50 -6.32
C ASP B 100 -3.03 -17.05 -6.98
N PHE B 101 -4.14 -16.67 -6.37
CA PHE B 101 -5.46 -16.76 -6.98
C PHE B 101 -6.22 -15.50 -6.58
N THR B 102 -6.73 -14.81 -7.61
CA THR B 102 -7.41 -13.55 -7.44
C THR B 102 -8.91 -13.77 -7.55
N PRO B 103 -9.68 -13.75 -6.43
CA PRO B 103 -11.12 -13.99 -6.51
C PRO B 103 -11.89 -12.92 -7.27
N GLU B 104 -13.04 -13.33 -7.81
CA GLU B 104 -14.02 -12.48 -8.47
C GLU B 104 -15.40 -12.85 -7.93
N PRO B 105 -16.41 -11.96 -8.01
CA PRO B 105 -17.77 -12.36 -7.63
C PRO B 105 -18.27 -13.52 -8.51
N ALA B 106 -19.29 -14.22 -8.05
CA ALA B 106 -19.80 -15.40 -8.75
C ALA B 106 -21.08 -15.04 -9.47
N ALA B 107 -21.32 -15.68 -10.63
CA ALA B 107 -22.57 -15.51 -11.36
C ALA B 107 -23.75 -15.87 -10.45
N ALA C 1 -20.43 23.87 6.94
CA ALA C 1 -21.86 24.21 6.76
C ALA C 1 -22.25 25.47 7.53
N ASN C 2 -21.49 25.80 8.59
CA ASN C 2 -21.80 26.93 9.45
C ASN C 2 -21.59 28.25 8.71
N PHE C 3 -22.52 29.19 8.89
CA PHE C 3 -22.33 30.55 8.41
C PHE C 3 -21.10 31.14 9.11
N LEU C 4 -20.32 31.93 8.37
CA LEU C 4 -19.07 32.48 8.87
C LEU C 4 -19.22 33.99 9.08
N GLU C 5 -18.59 34.53 10.13
CA GLU C 5 -18.74 35.93 10.52
C GLU C 5 -18.44 36.88 9.35
N HIS C 6 -17.41 36.59 8.55
CA HIS C 6 -17.05 37.49 7.45
C HIS C 6 -18.12 37.51 6.35
N GLU C 7 -19.01 36.51 6.32
CA GLU C 7 -20.03 36.42 5.27
C GLU C 7 -21.14 37.45 5.52
N LEU C 8 -21.37 37.80 6.79
CA LEU C 8 -22.28 38.89 7.14
C LEU C 8 -22.04 40.11 6.25
N SER C 9 -20.77 40.37 5.87
CA SER C 9 -20.47 41.55 5.07
C SER C 9 -20.98 41.39 3.64
N TYR C 10 -21.20 40.13 3.21
CA TYR C 10 -21.76 39.87 1.90
C TYR C 10 -23.24 40.29 1.90
N ILE C 11 -23.92 40.12 3.05
CA ILE C 11 -25.31 40.54 3.21
C ILE C 11 -25.40 42.05 2.98
N ASP C 12 -24.43 42.79 3.50
CA ASP C 12 -24.38 44.24 3.32
C ASP C 12 -24.29 44.57 1.83
N VAL C 13 -23.41 43.88 1.09
CA VAL C 13 -23.20 44.23 -0.31
C VAL C 13 -24.48 43.95 -1.10
N LEU C 14 -25.22 42.90 -0.72
CA LEU C 14 -26.43 42.48 -1.42
C LEU C 14 -27.61 43.42 -1.15
N LEU C 15 -27.65 44.06 0.02
CA LEU C 15 -28.73 44.98 0.36
C LEU C 15 -28.36 46.42 0.03
N ASP C 16 -27.13 46.63 -0.49
CA ASP C 16 -26.70 47.92 -1.00
C ASP C 16 -27.26 48.12 -2.41
N LYS C 17 -28.17 49.11 -2.56
CA LYS C 17 -28.89 49.37 -3.79
C LYS C 17 -27.99 50.04 -4.84
N ASN C 18 -26.78 50.45 -4.46
CA ASN C 18 -25.86 51.13 -5.36
C ASN C 18 -24.61 50.28 -5.60
N ALA C 19 -24.71 48.96 -5.44
CA ALA C 19 -23.60 48.06 -5.70
C ALA C 19 -23.79 47.38 -7.06
N ASP C 20 -22.71 47.34 -7.85
CA ASP C 20 -22.70 46.73 -9.18
C ASP C 20 -23.50 45.44 -9.18
N GLN C 21 -24.36 45.28 -10.19
CA GLN C 21 -25.17 44.08 -10.35
C GLN C 21 -24.30 42.82 -10.47
N ALA C 22 -23.21 42.92 -11.25
CA ALA C 22 -22.30 41.81 -11.43
C ALA C 22 -21.83 41.30 -10.07
N THR C 23 -21.35 42.22 -9.24
CA THR C 23 -20.90 41.96 -7.88
C THR C 23 -21.94 41.14 -7.10
N LYS C 24 -23.20 41.57 -7.16
CA LYS C 24 -24.25 40.96 -6.34
C LYS C 24 -24.54 39.53 -6.79
N ASP C 25 -24.61 39.32 -8.11
CA ASP C 25 -24.99 38.02 -8.67
C ASP C 25 -23.88 37.01 -8.39
N ASN C 26 -22.63 37.50 -8.35
CA ASN C 26 -21.49 36.69 -7.94
C ASN C 26 -21.69 36.19 -6.51
N LEU C 27 -22.11 37.08 -5.61
CA LEU C 27 -22.33 36.73 -4.21
C LEU C 27 -23.54 35.81 -4.06
N ARG C 28 -24.61 36.03 -4.85
CA ARG C 28 -25.78 35.17 -4.80
C ARG C 28 -25.38 33.76 -5.25
N SER C 29 -24.50 33.69 -6.25
CA SER C 29 -23.98 32.43 -6.79
C SER C 29 -23.11 31.68 -5.75
N TYR C 30 -22.25 32.42 -5.04
CA TYR C 30 -21.52 31.91 -3.89
C TYR C 30 -22.47 31.32 -2.85
N PHE C 31 -23.57 32.03 -2.54
CA PHE C 31 -24.50 31.56 -1.52
C PHE C 31 -25.36 30.42 -2.04
N ALA C 32 -25.71 30.43 -3.33
CA ALA C 32 -26.51 29.35 -3.90
C ALA C 32 -25.73 28.04 -3.92
N ASP C 33 -24.41 28.12 -4.11
CA ASP C 33 -23.55 26.95 -4.05
C ASP C 33 -23.57 26.30 -2.67
N LYS C 34 -23.89 27.07 -1.62
CA LYS C 34 -24.02 26.51 -0.27
C LYS C 34 -25.48 26.21 0.10
N GLY C 35 -26.41 26.32 -0.84
CA GLY C 35 -27.79 25.91 -0.62
C GLY C 35 -28.68 27.04 -0.11
N LEU C 36 -28.30 28.30 -0.39
CA LEU C 36 -29.01 29.48 0.09
C LEU C 36 -29.37 30.36 -1.10
N HIS C 37 -30.63 30.34 -1.52
CA HIS C 37 -30.99 30.78 -2.87
C HIS C 37 -31.64 32.16 -2.88
N SER C 38 -31.85 32.75 -1.69
CA SER C 38 -32.49 34.04 -1.54
C SER C 38 -31.84 34.71 -0.33
N ILE C 39 -32.09 36.00 -0.16
CA ILE C 39 -31.42 36.74 0.91
C ILE C 39 -32.05 36.33 2.24
N LYS C 40 -33.35 36.09 2.24
CA LYS C 40 -34.07 35.67 3.43
C LYS C 40 -33.54 34.32 3.93
N ASP C 41 -33.01 33.48 3.02
CA ASP C 41 -32.40 32.20 3.37
C ASP C 41 -31.02 32.40 3.99
N ILE C 42 -30.30 33.41 3.47
CA ILE C 42 -28.98 33.77 3.93
C ILE C 42 -29.05 34.36 5.34
N ILE C 43 -29.96 35.30 5.56
CA ILE C 43 -30.14 35.89 6.89
C ILE C 43 -30.53 34.79 7.89
N ASN C 44 -31.47 33.94 7.48
CA ASN C 44 -31.97 32.90 8.36
C ASN C 44 -30.83 31.95 8.77
N LYS C 45 -29.89 31.68 7.86
CA LYS C 45 -28.81 30.75 8.15
C LYS C 45 -27.90 31.37 9.20
N ALA C 46 -27.56 32.66 8.99
CA ALA C 46 -26.79 33.45 9.93
C ALA C 46 -27.44 33.41 11.31
N LYS C 47 -28.77 33.53 11.37
CA LYS C 47 -29.49 33.51 12.65
C LYS C 47 -29.34 32.16 13.33
N GLN C 48 -29.65 31.07 12.61
CA GLN C 48 -29.55 29.73 13.16
C GLN C 48 -28.14 29.46 13.70
N ASP C 49 -27.12 30.06 13.08
CA ASP C 49 -25.73 29.74 13.38
C ASP C 49 -25.12 30.76 14.33
N GLY C 50 -25.94 31.62 14.96
CA GLY C 50 -25.59 32.29 16.20
C GLY C 50 -25.36 33.81 16.07
N PHE C 51 -25.44 34.37 14.85
CA PHE C 51 -25.14 35.78 14.66
C PHE C 51 -26.38 36.64 14.88
N ASP C 52 -26.14 37.85 15.39
CA ASP C 52 -27.16 38.87 15.47
C ASP C 52 -27.44 39.38 14.06
N VAL C 53 -28.72 39.33 13.65
CA VAL C 53 -29.08 39.73 12.31
C VAL C 53 -30.12 40.86 12.35
N SER C 54 -30.30 41.47 13.53
CA SER C 54 -31.45 42.33 13.78
C SER C 54 -31.35 43.68 13.08
N LYS C 55 -30.16 44.00 12.55
CA LYS C 55 -30.01 45.14 11.66
C LYS C 55 -30.51 44.81 10.26
N TYR C 56 -31.07 43.60 10.05
CA TYR C 56 -31.75 43.27 8.82
C TYR C 56 -33.24 43.12 9.10
N GLU C 57 -33.85 44.20 9.62
CA GLU C 57 -35.30 44.37 9.63
C GLU C 57 -35.62 45.71 8.94
N ALA D 1 -19.07 -25.88 2.87
CA ALA D 1 -20.28 -26.29 3.62
C ALA D 1 -20.94 -27.51 2.98
N ASN D 2 -20.72 -27.71 1.66
CA ASN D 2 -21.31 -28.82 0.92
C ASN D 2 -20.65 -30.15 1.33
N PHE D 3 -21.49 -31.18 1.41
CA PHE D 3 -21.08 -32.55 1.67
C PHE D 3 -20.30 -33.06 0.46
N LEU D 4 -19.19 -33.76 0.73
CA LEU D 4 -18.29 -34.25 -0.30
C LEU D 4 -18.48 -35.76 -0.41
N GLU D 5 -18.11 -36.32 -1.57
CA GLU D 5 -18.39 -37.71 -1.87
C GLU D 5 -17.55 -38.64 -1.00
N HIS D 6 -16.33 -38.23 -0.66
CA HIS D 6 -15.39 -39.07 0.07
C HIS D 6 -15.80 -39.21 1.53
N GLU D 7 -16.63 -38.28 2.01
CA GLU D 7 -17.17 -38.33 3.37
C GLU D 7 -18.23 -39.42 3.50
N LEU D 8 -18.63 -40.04 2.38
CA LEU D 8 -19.56 -41.17 2.40
C LEU D 8 -18.83 -42.43 2.91
N SER D 9 -17.50 -42.45 2.83
CA SER D 9 -16.69 -43.50 3.42
C SER D 9 -16.75 -43.44 4.95
N TYR D 10 -16.87 -42.22 5.49
CA TYR D 10 -16.83 -41.99 6.93
C TYR D 10 -18.17 -42.33 7.60
N ILE D 11 -19.22 -42.57 6.80
CA ILE D 11 -20.48 -43.07 7.33
C ILE D 11 -20.40 -44.59 7.48
N ASP D 12 -19.62 -45.27 6.61
CA ASP D 12 -19.41 -46.71 6.69
C ASP D 12 -18.66 -47.09 7.95
N VAL D 13 -17.67 -46.26 8.35
CA VAL D 13 -16.77 -46.56 9.47
C VAL D 13 -17.49 -46.29 10.79
N LEU D 14 -18.47 -45.37 10.79
CA LEU D 14 -19.31 -45.10 11.94
C LEU D 14 -20.30 -46.26 12.16
N LEU D 15 -20.79 -46.84 11.05
CA LEU D 15 -21.77 -47.92 11.10
C LEU D 15 -21.10 -49.29 11.21
N ASP D 16 -19.74 -49.33 11.20
CA ASP D 16 -19.00 -50.57 11.30
C ASP D 16 -19.11 -51.12 12.72
N LYS D 17 -19.49 -52.41 12.83
CA LYS D 17 -19.96 -53.00 14.07
C LYS D 17 -18.81 -53.31 15.02
N ASN D 18 -17.57 -53.36 14.52
CA ASN D 18 -16.41 -53.55 15.37
C ASN D 18 -15.23 -52.74 14.80
N ALA D 19 -15.45 -51.42 14.68
CA ALA D 19 -14.39 -50.46 14.37
C ALA D 19 -13.93 -49.80 15.67
N ASP D 20 -12.65 -49.38 15.70
CA ASP D 20 -12.01 -48.87 16.89
C ASP D 20 -12.81 -47.66 17.41
N GLN D 21 -12.96 -47.54 18.74
CA GLN D 21 -13.82 -46.54 19.37
C GLN D 21 -13.24 -45.13 19.19
N ALA D 22 -11.91 -44.99 19.27
CA ALA D 22 -11.25 -43.70 19.18
C ALA D 22 -11.22 -43.18 17.75
N THR D 23 -11.45 -44.07 16.76
CA THR D 23 -11.62 -43.67 15.37
C THR D 23 -13.02 -43.08 15.19
N LYS D 24 -14.04 -43.74 15.73
CA LYS D 24 -15.44 -43.40 15.47
C LYS D 24 -15.86 -42.14 16.22
N ASP D 25 -15.08 -41.76 17.25
CA ASP D 25 -15.29 -40.54 18.01
C ASP D 25 -14.71 -39.34 17.25
N ASN D 26 -13.60 -39.58 16.53
CA ASN D 26 -12.90 -38.57 15.75
C ASN D 26 -13.78 -38.09 14.60
N LEU D 27 -14.47 -39.04 13.96
CA LEU D 27 -15.35 -38.75 12.83
C LEU D 27 -16.61 -38.02 13.28
N ARG D 28 -17.11 -38.32 14.49
CA ARG D 28 -18.28 -37.63 15.04
C ARG D 28 -17.92 -36.18 15.37
N SER D 29 -16.69 -35.95 15.82
CA SER D 29 -16.22 -34.63 16.19
C SER D 29 -15.86 -33.82 14.94
N TYR D 30 -15.46 -34.53 13.87
CA TYR D 30 -15.19 -33.94 12.56
C TYR D 30 -16.47 -33.32 12.01
N PHE D 31 -17.52 -34.16 11.96
CA PHE D 31 -18.82 -33.76 11.44
C PHE D 31 -19.51 -32.76 12.37
N ALA D 32 -19.22 -32.81 13.69
CA ALA D 32 -19.81 -31.88 14.64
C ALA D 32 -19.12 -30.51 14.58
N ASP D 33 -17.92 -30.45 13.98
CA ASP D 33 -17.23 -29.20 13.72
C ASP D 33 -17.81 -28.48 12.51
N LYS D 34 -18.70 -29.14 11.75
CA LYS D 34 -19.42 -28.51 10.65
C LYS D 34 -20.94 -28.67 10.83
N GLY D 35 -21.40 -28.61 12.10
CA GLY D 35 -22.80 -28.37 12.41
C GLY D 35 -23.67 -29.63 12.38
N LEU D 36 -23.06 -30.81 12.19
CA LEU D 36 -23.78 -32.07 12.07
C LEU D 36 -23.51 -32.94 13.31
N HIS D 37 -24.48 -32.98 14.24
CA HIS D 37 -24.26 -33.51 15.58
C HIS D 37 -24.71 -34.98 15.71
N SER D 38 -25.54 -35.46 14.78
CA SER D 38 -25.99 -36.84 14.73
C SER D 38 -25.63 -37.46 13.39
N ILE D 39 -25.87 -38.78 13.23
CA ILE D 39 -25.72 -39.46 11.94
C ILE D 39 -26.93 -39.13 11.06
N LYS D 40 -28.09 -38.88 11.69
CA LYS D 40 -29.31 -38.54 10.99
C LYS D 40 -29.24 -37.13 10.39
N ASP D 41 -28.31 -36.30 10.89
CA ASP D 41 -28.04 -34.97 10.32
C ASP D 41 -26.83 -35.03 9.39
N ILE D 42 -26.22 -36.22 9.26
CA ILE D 42 -25.12 -36.47 8.34
C ILE D 42 -25.67 -37.02 7.01
N ILE D 43 -26.76 -37.80 7.09
CA ILE D 43 -27.43 -38.32 5.89
C ILE D 43 -28.36 -37.25 5.32
N ASN D 44 -28.88 -36.35 6.16
CA ASN D 44 -29.77 -35.28 5.71
C ASN D 44 -28.99 -34.15 5.05
N LYS D 45 -27.66 -34.08 5.28
CA LYS D 45 -26.83 -33.10 4.59
C LYS D 45 -26.32 -33.68 3.26
N ALA D 46 -26.03 -34.99 3.25
CA ALA D 46 -25.65 -35.68 2.02
C ALA D 46 -26.81 -35.70 1.02
N LYS D 47 -28.06 -35.84 1.52
CA LYS D 47 -29.26 -35.82 0.70
C LYS D 47 -29.37 -34.50 -0.08
N GLN D 48 -29.47 -33.39 0.66
CA GLN D 48 -29.72 -32.08 0.10
C GLN D 48 -28.69 -31.70 -0.97
N ASP D 49 -27.45 -32.20 -0.79
CA ASP D 49 -26.31 -31.81 -1.61
C ASP D 49 -26.14 -32.74 -2.80
N GLY D 50 -27.02 -33.73 -2.96
CA GLY D 50 -27.27 -34.37 -4.25
C GLY D 50 -27.00 -35.88 -4.28
N PHE D 51 -26.55 -36.48 -3.18
CA PHE D 51 -26.18 -37.89 -3.18
C PHE D 51 -27.37 -38.75 -2.76
N ASP D 52 -27.17 -40.08 -2.81
CA ASP D 52 -28.14 -41.06 -2.33
C ASP D 52 -27.64 -41.69 -1.02
N VAL D 53 -28.43 -41.51 0.06
CA VAL D 53 -28.10 -42.06 1.37
C VAL D 53 -29.30 -42.82 1.97
N SER D 54 -30.30 -43.15 1.13
CA SER D 54 -31.36 -44.07 1.52
C SER D 54 -30.92 -45.51 1.23
N LYS D 55 -29.67 -45.69 0.80
CA LYS D 55 -29.02 -47.00 0.74
C LYS D 55 -28.55 -47.43 2.14
N TYR D 56 -29.13 -46.83 3.19
CA TYR D 56 -29.05 -47.35 4.56
C TYR D 56 -30.45 -47.49 5.16
N GLU D 57 -31.40 -46.64 4.71
CA GLU D 57 -32.74 -46.57 5.28
C GLU D 57 -33.69 -47.61 4.67
N HIS D 58 -34.85 -47.74 5.32
CA HIS D 58 -35.87 -48.70 4.94
C HIS D 58 -37.13 -47.95 4.50
N VAL E 1 -18.63 5.03 24.37
CA VAL E 1 -17.71 5.75 25.28
C VAL E 1 -17.12 6.94 24.53
N ASN E 2 -17.19 8.11 25.15
CA ASN E 2 -16.63 9.37 24.67
C ASN E 2 -15.20 9.49 25.15
N CYS E 3 -14.25 9.56 24.21
CA CYS E 3 -12.84 9.40 24.50
C CYS E 3 -12.30 10.58 25.30
N GLU E 4 -12.99 11.72 25.25
CA GLU E 4 -12.48 12.91 25.91
C GLU E 4 -12.70 12.81 27.42
N THR E 5 -13.73 12.06 27.87
CA THR E 5 -14.05 11.98 29.30
C THR E 5 -13.99 10.58 29.88
N SER E 6 -14.07 9.54 29.07
CA SER E 6 -14.04 8.17 29.58
C SER E 6 -12.62 7.65 29.52
N CYS E 7 -12.27 6.76 30.46
CA CYS E 7 -11.00 6.06 30.43
C CYS E 7 -11.20 4.61 30.02
N VAL E 8 -12.42 4.23 29.65
CA VAL E 8 -12.67 2.88 29.17
C VAL E 8 -12.05 2.74 27.79
N GLN E 9 -11.35 1.62 27.59
CA GLN E 9 -10.74 1.32 26.30
C GLN E 9 -11.73 0.59 25.39
N GLN E 10 -12.39 1.34 24.51
CA GLN E 10 -13.34 0.79 23.54
C GLN E 10 -13.22 1.60 22.25
N PRO E 11 -13.20 0.98 21.04
CA PRO E 11 -13.05 1.75 19.81
C PRO E 11 -14.03 2.92 19.74
N PRO E 12 -13.61 4.16 19.36
CA PRO E 12 -12.27 4.46 18.90
C PRO E 12 -11.28 5.01 19.93
N CYS E 13 -11.47 4.70 21.22
CA CYS E 13 -10.65 5.30 22.26
C CYS E 13 -9.49 4.38 22.61
N PHE E 14 -8.29 4.95 22.73
CA PHE E 14 -7.07 4.24 23.09
C PHE E 14 -6.33 5.07 24.15
N PRO E 15 -6.96 5.32 25.32
CA PRO E 15 -6.36 6.18 26.33
C PRO E 15 -4.99 5.68 26.80
N LEU E 16 -4.12 6.65 27.11
CA LEU E 16 -2.85 6.35 27.76
C LEU E 16 -3.11 6.10 29.24
N LYS E 17 -2.76 4.91 29.73
CA LYS E 17 -2.79 4.64 31.15
C LYS E 17 -1.66 5.39 31.86
N ILE E 18 -1.85 5.52 33.17
CA ILE E 18 -0.97 6.27 34.05
C ILE E 18 -0.11 5.30 34.85
N PRO E 19 1.23 5.41 34.82
CA PRO E 19 2.08 4.57 35.64
C PRO E 19 1.97 4.84 37.14
N PRO E 20 2.42 3.91 38.01
CA PRO E 20 2.58 4.19 39.43
C PRO E 20 3.66 5.24 39.70
N ASN E 21 3.37 6.14 40.63
CA ASN E 21 4.31 7.18 41.04
C ASN E 21 4.55 8.17 39.92
N ASP E 22 3.52 8.41 39.09
CA ASP E 22 3.57 9.49 38.13
C ASP E 22 3.79 10.77 38.90
N PRO E 23 4.71 11.65 38.44
CA PRO E 23 5.02 12.87 39.17
C PRO E 23 3.87 13.87 39.18
N ARG E 24 2.92 13.75 38.23
CA ARG E 24 1.83 14.72 38.10
C ARG E 24 0.46 14.08 38.31
N ILE E 25 0.18 12.91 37.72
CA ILE E 25 -1.16 12.32 37.79
C ILE E 25 -1.12 11.21 38.84
N LYS E 26 -1.52 11.59 40.07
CA LYS E 26 -1.43 10.73 41.24
C LYS E 26 -2.53 9.68 41.19
N ASN E 27 -3.62 10.02 40.50
CA ASN E 27 -4.79 9.16 40.32
C ASN E 27 -4.54 8.16 39.19
N GLN E 28 -4.24 6.91 39.57
CA GLN E 28 -3.86 5.90 38.60
C GLN E 28 -5.05 5.42 37.76
N ALA E 29 -6.29 5.69 38.20
CA ALA E 29 -7.47 5.30 37.45
C ALA E 29 -7.86 6.35 36.41
N ASP E 30 -7.14 7.50 36.41
CA ASP E 30 -7.32 8.49 35.37
C ASP E 30 -6.53 8.03 34.14
N CYS E 31 -6.56 8.84 33.09
CA CYS E 31 -5.90 8.49 31.85
C CYS E 31 -5.72 9.76 31.01
N ILE E 32 -4.84 9.71 30.02
CA ILE E 32 -4.70 10.80 29.07
C ILE E 32 -5.51 10.41 27.84
N PRO E 33 -6.51 11.24 27.46
CA PRO E 33 -7.41 10.92 26.36
C PRO E 33 -6.70 10.79 25.02
N PHE E 34 -7.28 9.94 24.17
CA PHE E 34 -6.67 9.58 22.90
C PHE E 34 -7.70 8.87 22.02
N PHE E 35 -8.02 9.53 20.90
CA PHE E 35 -8.81 8.97 19.81
C PHE E 35 -7.88 8.41 18.75
N ARG E 36 -8.08 7.15 18.37
CA ARG E 36 -7.38 6.53 17.26
C ARG E 36 -7.65 7.28 15.97
N SER E 37 -6.63 7.39 15.12
CA SER E 37 -6.74 8.03 13.83
C SER E 37 -7.73 7.27 12.96
N PRO E 39 -9.43 5.17 10.24
CA PRO E 39 -8.99 4.17 9.29
C PRO E 39 -9.41 4.47 7.86
N ALA E 40 -8.55 4.14 6.90
CA ALA E 40 -8.85 4.43 5.51
C ALA E 40 -9.99 3.53 5.06
N CYS E 41 -10.03 2.31 5.60
CA CYS E 41 -11.09 1.36 5.27
C CYS E 41 -11.77 0.91 6.56
N PRO E 42 -12.83 1.62 7.00
CA PRO E 42 -13.48 1.31 8.28
C PRO E 42 -14.07 -0.09 8.39
N GLY E 43 -13.66 -0.82 9.43
CA GLY E 43 -14.34 -2.05 9.81
C GLY E 43 -13.90 -3.26 8.98
N SER E 44 -12.79 -3.16 8.22
CA SER E 44 -12.37 -4.27 7.38
C SER E 44 -11.48 -5.25 8.15
N ASN E 45 -11.63 -6.53 7.84
CA ASN E 45 -10.58 -7.46 8.23
C ASN E 45 -10.07 -8.21 6.97
N ILE E 46 -9.91 -7.47 5.86
CA ILE E 46 -8.98 -7.87 4.84
C ILE E 46 -7.77 -6.94 4.88
N THR E 47 -8.04 -5.63 4.96
CA THR E 47 -6.98 -4.67 4.81
C THR E 47 -6.20 -4.58 6.11
N ILE E 48 -4.95 -4.19 5.94
CA ILE E 48 -4.12 -3.72 7.02
C ILE E 48 -4.44 -2.25 7.22
N ARG E 49 -4.78 -1.92 8.46
CA ARG E 49 -5.26 -0.60 8.80
C ARG E 49 -4.20 0.42 8.42
N ASN E 50 -4.70 1.48 7.79
CA ASN E 50 -3.88 2.62 7.41
C ASN E 50 -4.64 3.89 7.75
N GLN E 51 -3.91 5.00 7.86
CA GLN E 51 -4.50 6.27 8.20
C GLN E 51 -4.61 7.18 6.96
N ILE E 52 -5.19 8.36 7.18
CA ILE E 52 -5.57 9.26 6.11
C ILE E 52 -4.82 10.58 6.27
N ASN E 53 -4.40 11.15 5.14
CA ASN E 53 -3.94 12.53 5.10
C ASN E 53 -5.04 13.42 4.53
N ALA E 54 -5.49 14.40 5.32
CA ALA E 54 -6.57 15.28 4.92
C ALA E 54 -6.09 16.46 4.08
N LEU E 55 -4.77 16.67 3.98
CA LEU E 55 -4.17 17.80 3.27
C LEU E 55 -3.48 17.33 2.00
N THR E 56 -3.08 18.28 1.14
CA THR E 56 -2.24 17.95 0.00
C THR E 56 -0.78 17.78 0.47
N SER E 57 -0.11 16.71 -0.01
CA SER E 57 1.25 16.42 0.39
C SER E 57 2.18 17.55 -0.04
N PHE E 58 1.85 18.15 -1.20
CA PHE E 58 2.71 19.11 -1.85
C PHE E 58 2.92 20.34 -0.96
N VAL E 59 4.13 20.93 -1.08
CA VAL E 59 4.46 22.21 -0.48
C VAL E 59 3.86 23.29 -1.36
N ASP E 60 2.58 23.61 -1.11
CA ASP E 60 1.78 24.41 -2.03
C ASP E 60 1.02 25.49 -1.27
N ALA E 61 1.48 25.77 -0.05
CA ALA E 61 0.84 26.72 0.83
C ALA E 61 -0.64 26.38 1.07
N SER E 62 -0.95 25.09 1.20
CA SER E 62 -2.33 24.66 1.40
C SER E 62 -2.78 25.01 2.82
N MET E 63 -1.83 25.38 3.69
CA MET E 63 -2.22 25.81 5.03
C MET E 63 -2.76 27.23 4.98
N VAL E 64 -2.54 27.92 3.86
CA VAL E 64 -3.17 29.21 3.59
C VAL E 64 -4.46 29.07 2.79
N TYR E 65 -4.44 28.27 1.71
CA TYR E 65 -5.48 28.27 0.68
C TYR E 65 -6.54 27.19 0.92
N GLY E 66 -6.25 26.23 1.83
CA GLY E 66 -7.09 25.08 2.07
C GLY E 66 -6.77 23.93 1.10
N SER E 67 -7.27 22.75 1.44
CA SER E 67 -7.01 21.53 0.70
C SER E 67 -8.30 20.88 0.19
N GLU E 68 -9.43 21.59 0.33
CA GLU E 68 -10.76 21.14 -0.11
C GLU E 68 -11.45 22.35 -0.74
N GLU E 69 -12.27 22.15 -1.78
CA GLU E 69 -12.80 23.24 -2.60
C GLU E 69 -13.78 24.13 -1.82
N PRO E 70 -14.71 23.59 -1.00
CA PRO E 70 -15.59 24.46 -0.22
C PRO E 70 -14.82 25.41 0.72
N LEU E 71 -13.86 24.85 1.47
CA LEU E 71 -13.02 25.65 2.35
C LEU E 71 -12.27 26.72 1.55
N ALA E 72 -11.69 26.34 0.40
CA ALA E 72 -10.88 27.26 -0.39
C ALA E 72 -11.71 28.48 -0.78
N ARG E 73 -12.98 28.26 -1.09
CA ARG E 73 -13.89 29.30 -1.53
C ARG E 73 -14.20 30.23 -0.35
N ASN E 74 -14.48 29.65 0.83
CA ASN E 74 -14.80 30.41 2.02
C ASN E 74 -13.66 31.32 2.47
N LEU E 75 -12.41 30.92 2.17
CA LEU E 75 -11.24 31.69 2.53
C LEU E 75 -11.06 32.92 1.63
N ARG E 76 -11.78 32.97 0.51
CA ARG E 76 -11.66 34.04 -0.45
C ARG E 76 -12.71 35.09 -0.20
N ASN E 77 -12.32 36.34 -0.48
CA ASN E 77 -13.18 37.51 -0.45
C ASN E 77 -13.93 37.57 -1.78
N MET E 78 -15.23 37.33 -1.72
CA MET E 78 -16.07 37.15 -2.90
C MET E 78 -16.95 38.37 -3.13
N SER E 79 -16.56 39.55 -2.61
CA SER E 79 -17.39 40.75 -2.73
C SER E 79 -16.83 41.72 -3.78
N ASN E 80 -15.76 41.30 -4.46
CA ASN E 80 -15.16 42.08 -5.53
C ASN E 80 -14.32 41.11 -6.36
N GLN E 81 -13.65 41.63 -7.39
CA GLN E 81 -12.84 40.85 -8.30
C GLN E 81 -11.34 41.12 -8.06
N LEU E 82 -10.91 41.31 -6.80
CA LEU E 82 -9.52 41.67 -6.55
C LEU E 82 -8.67 40.43 -6.27
N GLY E 83 -9.31 39.26 -6.13
CA GLY E 83 -8.59 38.01 -5.93
C GLY E 83 -7.98 37.87 -4.53
N LEU E 84 -8.65 38.46 -3.54
CA LEU E 84 -8.13 38.60 -2.19
C LEU E 84 -8.60 37.41 -1.36
N LEU E 85 -7.87 37.13 -0.29
CA LEU E 85 -8.35 36.28 0.79
C LEU E 85 -9.17 37.13 1.72
N ALA E 86 -10.28 36.54 2.19
CA ALA E 86 -11.12 37.10 3.23
C ALA E 86 -10.29 37.50 4.46
N VAL E 87 -10.63 38.66 5.04
CA VAL E 87 -9.99 39.16 6.25
C VAL E 87 -11.06 39.37 7.31
N ASN E 88 -10.61 39.47 8.56
CA ASN E 88 -11.48 39.73 9.70
C ASN E 88 -12.24 41.04 9.48
N GLN E 89 -13.54 41.05 9.78
CA GLN E 89 -14.39 42.20 9.57
C GLN E 89 -14.69 42.98 10.86
N ARG E 90 -14.18 42.56 12.02
CA ARG E 90 -14.39 43.26 13.28
C ARG E 90 -13.10 43.82 13.88
N PHE E 91 -11.97 43.13 13.65
CA PHE E 91 -10.70 43.55 14.22
C PHE E 91 -9.64 43.79 13.16
N GLN E 92 -8.76 44.76 13.49
CA GLN E 92 -7.52 44.99 12.76
C GLN E 92 -6.36 45.07 13.75
N ASP E 93 -5.14 44.97 13.20
CA ASP E 93 -3.88 45.04 13.93
C ASP E 93 -3.11 46.25 13.41
N ASN E 94 -3.32 47.42 14.04
CA ASN E 94 -2.74 48.66 13.56
C ASN E 94 -2.93 48.80 12.06
N GLY E 95 -4.18 48.65 11.61
CA GLY E 95 -4.59 48.97 10.24
C GLY E 95 -4.37 47.84 9.23
N ARG E 96 -3.85 46.69 9.69
CA ARG E 96 -3.55 45.54 8.84
C ARG E 96 -4.48 44.39 9.19
N ALA E 97 -4.54 43.41 8.28
CA ALA E 97 -5.55 42.37 8.36
C ALA E 97 -5.18 41.36 9.44
N LEU E 98 -6.25 40.83 10.06
CA LEU E 98 -6.21 39.60 10.81
C LEU E 98 -7.01 38.55 10.03
N LEU E 99 -6.75 37.29 10.36
CA LEU E 99 -7.51 36.21 9.80
C LEU E 99 -8.97 36.40 10.20
N PRO E 100 -9.92 35.97 9.35
CA PRO E 100 -11.32 35.90 9.76
C PRO E 100 -11.52 34.85 10.84
N PHE E 101 -12.66 34.91 11.52
CA PHE E 101 -13.00 33.97 12.57
C PHE E 101 -13.72 32.76 11.98
N ASP E 102 -13.35 31.60 12.49
CA ASP E 102 -14.08 30.39 12.20
C ASP E 102 -15.33 30.36 13.09
N ASN E 103 -16.27 29.50 12.71
CA ASN E 103 -17.49 29.28 13.48
C ASN E 103 -17.60 27.79 13.80
N LEU E 104 -16.97 27.39 14.92
CA LEU E 104 -16.84 25.99 15.32
C LEU E 104 -17.96 25.62 16.29
N HIS E 105 -18.41 24.36 16.23
CA HIS E 105 -19.44 23.87 17.15
C HIS E 105 -18.93 23.81 18.58
N ASP E 106 -17.72 23.26 18.80
CA ASP E 106 -17.04 23.33 20.09
C ASP E 106 -15.72 24.08 19.96
N ASP E 107 -15.71 25.36 20.33
CA ASP E 107 -14.60 26.23 20.01
C ASP E 107 -13.67 26.36 21.21
N PRO E 108 -12.41 25.86 21.16
CA PRO E 108 -11.54 25.87 22.32
C PRO E 108 -10.96 27.25 22.64
N CYS E 109 -10.76 28.07 21.62
CA CYS E 109 -10.25 29.41 21.81
C CYS E 109 -11.09 30.18 22.84
N LEU E 110 -12.43 30.02 22.79
CA LEU E 110 -13.34 30.79 23.65
C LEU E 110 -13.16 30.39 25.12
N LEU E 111 -12.52 29.25 25.38
CA LEU E 111 -12.34 28.79 26.74
C LEU E 111 -11.04 29.30 27.34
N THR E 112 -10.16 29.97 26.58
CA THR E 112 -8.86 30.36 27.11
C THR E 112 -8.99 31.64 27.94
N ASN E 113 -9.63 32.69 27.42
CA ASN E 113 -10.00 33.87 28.19
C ASN E 113 -11.50 34.12 27.98
N ARG E 114 -12.31 33.67 28.95
CA ARG E 114 -13.75 33.59 28.77
C ARG E 114 -14.35 34.96 28.49
N SER E 115 -13.96 35.97 29.28
CA SER E 115 -14.52 37.31 29.12
C SER E 115 -14.20 37.91 27.76
N ALA E 116 -13.06 37.56 27.14
CA ALA E 116 -12.62 38.22 25.91
C ALA E 116 -13.46 37.83 24.69
N ARG E 117 -14.05 36.63 24.75
CA ARG E 117 -14.96 36.07 23.73
C ARG E 117 -14.40 36.19 22.32
N ILE E 118 -13.16 35.73 22.12
CA ILE E 118 -12.57 35.71 20.80
C ILE E 118 -12.50 34.25 20.33
N PRO E 119 -13.20 33.88 19.23
CA PRO E 119 -13.16 32.52 18.72
C PRO E 119 -11.86 32.20 18.01
N CYS E 120 -11.68 30.95 17.61
CA CYS E 120 -10.56 30.57 16.78
C CYS E 120 -10.66 31.22 15.39
N PHE E 121 -9.48 31.31 14.75
CA PHE E 121 -9.36 31.87 13.42
C PHE E 121 -9.65 30.79 12.37
N LEU E 122 -10.10 31.24 11.19
CA LEU E 122 -10.29 30.41 10.00
C LEU E 122 -9.09 30.56 9.08
N ALA E 123 -8.53 29.42 8.66
CA ALA E 123 -7.41 29.39 7.73
C ALA E 123 -7.49 28.10 6.91
N GLY E 124 -6.47 27.90 6.05
CA GLY E 124 -6.41 26.76 5.14
C GLY E 124 -6.27 25.44 5.88
N ASP E 125 -5.69 25.50 7.09
CA ASP E 125 -5.59 24.36 8.00
C ASP E 125 -6.30 24.69 9.30
N THR E 126 -6.84 23.66 9.98
CA THR E 126 -7.71 23.86 11.15
C THR E 126 -6.94 24.15 12.43
N ARG E 127 -5.60 24.12 12.42
CA ARG E 127 -4.83 24.22 13.65
C ARG E 127 -4.20 25.62 13.82
N SER E 128 -4.60 26.58 12.98
CA SER E 128 -3.93 27.86 12.91
C SER E 128 -3.93 28.60 14.26
N SER E 129 -4.85 28.24 15.17
CA SER E 129 -4.98 28.96 16.43
C SER E 129 -4.27 28.24 17.58
N GLU E 130 -3.53 27.16 17.31
CA GLU E 130 -3.01 26.29 18.37
C GLU E 130 -1.93 26.98 19.20
N MET E 131 -1.12 27.84 18.58
CA MET E 131 -0.35 28.81 19.33
C MET E 131 -0.32 30.14 18.55
N PRO E 132 -0.30 31.30 19.22
CA PRO E 132 -0.29 32.60 18.57
C PRO E 132 0.91 32.81 17.63
N GLU E 133 2.01 32.12 17.91
CA GLU E 133 3.19 32.21 17.05
C GLU E 133 2.86 31.62 15.67
N LEU E 134 2.15 30.49 15.66
CA LEU E 134 1.67 29.87 14.43
C LEU E 134 0.61 30.75 13.77
N THR E 135 -0.30 31.33 14.58
CA THR E 135 -1.32 32.23 14.07
C THR E 135 -0.67 33.40 13.34
N SER E 136 0.40 33.93 13.96
CA SER E 136 1.09 35.08 13.42
C SER E 136 1.65 34.77 12.03
N MET E 137 2.10 33.52 11.83
CA MET E 137 2.68 33.14 10.54
C MET E 137 1.59 33.00 9.48
N HIS E 138 0.47 32.38 9.84
CA HIS E 138 -0.67 32.29 8.96
C HIS E 138 -1.14 33.68 8.55
N THR E 139 -1.11 34.63 9.50
CA THR E 139 -1.55 36.00 9.25
C THR E 139 -0.59 36.72 8.29
N LEU E 140 0.71 36.49 8.46
CA LEU E 140 1.72 37.04 7.58
C LEU E 140 1.46 36.62 6.14
N LEU E 141 1.20 35.32 5.90
CA LEU E 141 1.05 34.82 4.54
C LEU E 141 -0.27 35.32 3.92
N LEU E 142 -1.31 35.46 4.73
CA LEU E 142 -2.57 36.01 4.24
C LEU E 142 -2.31 37.38 3.66
N ARG E 143 -1.62 38.21 4.44
CA ARG E 143 -1.34 39.59 4.07
C ARG E 143 -0.50 39.63 2.81
N GLU E 144 0.49 38.75 2.72
CA GLU E 144 1.40 38.71 1.57
C GLU E 144 0.64 38.37 0.30
N HIS E 145 -0.33 37.45 0.41
CA HIS E 145 -1.22 37.12 -0.68
C HIS E 145 -1.95 38.36 -1.20
N ASN E 146 -2.58 39.09 -0.27
CA ASN E 146 -3.38 40.25 -0.64
C ASN E 146 -2.50 41.34 -1.24
N ARG E 147 -1.24 41.45 -0.77
CA ARG E 147 -0.31 42.45 -1.28
C ARG E 147 0.11 42.13 -2.71
N LEU E 148 0.42 40.86 -2.98
CA LEU E 148 0.79 40.44 -4.32
C LEU E 148 -0.38 40.68 -5.26
N ALA E 149 -1.60 40.33 -4.82
CA ALA E 149 -2.76 40.45 -5.67
C ALA E 149 -3.00 41.92 -6.00
N THR E 150 -2.89 42.79 -4.98
CA THR E 150 -3.06 44.23 -5.13
C THR E 150 -2.03 44.70 -6.16
N GLU E 151 -0.79 44.24 -5.98
CA GLU E 151 0.29 44.68 -6.84
C GLU E 151 0.10 44.18 -8.27
N LEU E 152 -0.39 42.93 -8.44
CA LEU E 152 -0.64 42.36 -9.76
C LEU E 152 -1.80 43.08 -10.45
N LYS E 153 -2.83 43.46 -9.68
CA LYS E 153 -3.96 44.21 -10.21
C LYS E 153 -3.47 45.50 -10.83
N SER E 154 -2.62 46.19 -10.07
CA SER E 154 -2.00 47.43 -10.50
C SER E 154 -1.20 47.21 -11.81
N LEU E 155 -0.50 46.08 -11.89
CA LEU E 155 0.34 45.77 -13.05
C LEU E 155 -0.49 45.31 -14.26
N ASN E 156 -1.54 44.51 -14.01
CA ASN E 156 -2.39 43.94 -15.04
C ASN E 156 -3.86 44.22 -14.70
N PRO E 157 -4.39 45.42 -14.99
CA PRO E 157 -5.77 45.77 -14.64
C PRO E 157 -6.88 44.88 -15.24
N ARG E 158 -6.67 44.34 -16.45
CA ARG E 158 -7.71 43.56 -17.11
C ARG E 158 -7.90 42.19 -16.45
N TRP E 159 -6.92 41.69 -15.70
CA TRP E 159 -7.05 40.42 -14.99
C TRP E 159 -8.27 40.42 -14.07
N ASP E 160 -9.03 39.32 -14.09
CA ASP E 160 -10.17 39.17 -13.20
C ASP E 160 -9.72 38.61 -11.85
N GLY E 161 -10.67 38.49 -10.92
CA GLY E 161 -10.40 37.98 -9.59
C GLY E 161 -9.77 36.58 -9.60
N GLU E 162 -10.27 35.66 -10.44
CA GLU E 162 -9.76 34.30 -10.45
C GLU E 162 -8.28 34.30 -10.87
N ARG E 163 -7.93 35.13 -11.84
CA ARG E 163 -6.58 35.21 -12.34
C ARG E 163 -5.64 35.75 -11.27
N LEU E 164 -6.05 36.86 -10.63
CA LEU E 164 -5.24 37.51 -9.61
C LEU E 164 -5.00 36.58 -8.42
N TYR E 165 -6.04 35.87 -8.00
CA TYR E 165 -5.99 34.94 -6.88
C TYR E 165 -4.99 33.83 -7.13
N GLN E 166 -5.11 33.17 -8.29
CA GLN E 166 -4.29 32.04 -8.67
C GLN E 166 -2.82 32.44 -8.83
N GLU E 167 -2.57 33.58 -9.46
CA GLU E 167 -1.21 34.04 -9.72
C GLU E 167 -0.55 34.44 -8.39
N ALA E 168 -1.30 35.09 -7.48
CA ALA E 168 -0.77 35.40 -6.17
C ALA E 168 -0.46 34.11 -5.41
N ARG E 169 -1.38 33.14 -5.48
CA ARG E 169 -1.25 31.87 -4.78
C ARG E 169 -0.01 31.10 -5.26
N LYS E 170 0.24 31.17 -6.57
CA LYS E 170 1.37 30.51 -7.20
C LYS E 170 2.69 31.10 -6.69
N ILE E 171 2.71 32.41 -6.45
CA ILE E 171 3.90 33.07 -5.91
C ILE E 171 4.09 32.66 -4.44
N VAL E 172 3.03 32.74 -3.63
CA VAL E 172 3.13 32.37 -2.22
C VAL E 172 3.63 30.93 -2.09
N GLY E 173 3.12 30.04 -2.93
CA GLY E 173 3.55 28.65 -2.94
C GLY E 173 5.03 28.52 -3.27
N ALA E 174 5.50 29.28 -4.26
CA ALA E 174 6.91 29.29 -4.62
C ALA E 174 7.76 29.80 -3.45
N MET E 175 7.27 30.85 -2.77
CA MET E 175 7.97 31.45 -1.63
C MET E 175 8.10 30.45 -0.47
N VAL E 176 7.04 29.70 -0.17
CA VAL E 176 7.11 28.68 0.87
C VAL E 176 8.15 27.62 0.49
N GLN E 177 8.23 27.29 -0.80
CA GLN E 177 9.12 26.24 -1.26
C GLN E 177 10.56 26.67 -1.10
N ILE E 178 10.83 27.92 -1.52
CA ILE E 178 12.18 28.48 -1.52
C ILE E 178 12.67 28.61 -0.08
N ILE E 179 11.87 29.20 0.81
CA ILE E 179 12.28 29.34 2.20
C ILE E 179 12.53 27.97 2.81
N THR E 180 11.65 27.00 2.52
CA THR E 180 11.79 25.64 3.02
C THR E 180 13.10 24.97 2.56
N TYR E 181 13.37 24.96 1.25
CA TYR E 181 14.47 24.16 0.70
C TYR E 181 15.81 24.91 0.68
N ARG E 182 15.79 26.23 0.56
CA ARG E 182 17.00 27.03 0.53
C ARG E 182 17.49 27.36 1.95
N ASP E 183 16.56 27.66 2.88
CA ASP E 183 16.90 28.27 4.15
C ASP E 183 16.67 27.31 5.35
N TYR E 184 15.57 26.56 5.32
CA TYR E 184 15.15 25.78 6.47
C TYR E 184 15.80 24.39 6.48
N LEU E 185 15.58 23.58 5.44
CA LEU E 185 15.95 22.18 5.47
C LEU E 185 17.45 22.00 5.68
N PRO E 186 18.32 22.84 5.09
CA PRO E 186 19.76 22.71 5.30
C PRO E 186 20.14 22.80 6.78
N LEU E 187 19.46 23.66 7.55
CA LEU E 187 19.72 23.75 8.99
C LEU E 187 19.11 22.58 9.78
N VAL E 188 18.09 21.91 9.23
CA VAL E 188 17.50 20.72 9.86
C VAL E 188 18.44 19.54 9.70
N LEU E 189 18.90 19.29 8.45
CA LEU E 189 19.61 18.07 8.08
C LEU E 189 21.11 18.21 8.30
N GLY E 190 21.65 19.40 8.07
CA GLY E 190 23.08 19.61 8.01
C GLY E 190 23.58 19.39 6.58
N PRO E 191 24.83 19.82 6.24
CA PRO E 191 25.29 19.80 4.85
C PRO E 191 25.42 18.41 4.25
N THR E 192 26.02 17.49 5.00
CA THR E 192 26.25 16.12 4.54
C THR E 192 24.95 15.48 4.08
N ALA E 193 23.92 15.49 4.96
CA ALA E 193 22.65 14.86 4.63
C ALA E 193 21.92 15.67 3.56
N MET E 194 22.13 16.98 3.52
CA MET E 194 21.51 17.81 2.48
C MET E 194 21.98 17.33 1.10
N ARG E 195 23.29 17.12 0.95
CA ARG E 195 23.87 16.65 -0.30
C ARG E 195 23.36 15.24 -0.62
N LYS E 196 23.24 14.40 0.41
CA LYS E 196 22.93 13.01 0.19
C LYS E 196 21.48 12.89 -0.26
N TYR E 197 20.56 13.51 0.50
CA TYR E 197 19.13 13.31 0.31
C TYR E 197 18.51 14.37 -0.58
N LEU E 198 19.14 15.54 -0.74
CA LEU E 198 18.58 16.57 -1.60
C LEU E 198 19.64 17.10 -2.55
N PRO E 199 20.12 16.28 -3.50
CA PRO E 199 21.00 16.78 -4.54
C PRO E 199 20.30 17.81 -5.41
N THR E 200 21.08 18.66 -6.06
CA THR E 200 20.57 19.71 -6.93
C THR E 200 19.43 19.18 -7.78
N TYR E 201 18.31 19.94 -7.80
CA TYR E 201 17.17 19.68 -8.66
C TYR E 201 17.58 19.59 -10.12
N ARG E 202 17.09 18.56 -10.82
CA ARG E 202 17.24 18.47 -12.26
C ARG E 202 15.95 18.93 -12.94
N SER E 203 14.90 18.11 -12.76
CA SER E 203 13.65 18.28 -13.47
C SER E 203 12.56 17.46 -12.79
N TYR E 204 11.29 17.79 -13.05
CA TYR E 204 10.15 17.02 -12.55
C TYR E 204 10.20 15.60 -13.09
N ASN E 205 10.00 14.63 -12.19
CA ASN E 205 10.01 13.22 -12.50
C ASN E 205 8.65 12.63 -12.14
N ASP E 206 7.86 12.26 -13.17
CA ASP E 206 6.47 11.85 -12.96
C ASP E 206 6.38 10.43 -12.40
N SER E 207 7.51 9.78 -12.10
CA SER E 207 7.52 8.46 -11.49
C SER E 207 7.89 8.55 -10.01
N VAL E 208 8.14 9.75 -9.50
CA VAL E 208 8.38 9.93 -8.08
C VAL E 208 7.02 10.05 -7.38
N ASP E 209 6.77 9.13 -6.44
CA ASP E 209 5.59 9.15 -5.59
C ASP E 209 5.66 10.33 -4.59
N PRO E 210 4.77 11.34 -4.68
CA PRO E 210 4.80 12.48 -3.77
C PRO E 210 3.98 12.33 -2.49
N ARG E 211 3.49 11.15 -2.18
CA ARG E 211 2.64 11.03 -1.00
C ARG E 211 3.47 11.22 0.27
N ILE E 212 2.82 11.72 1.32
CA ILE E 212 3.40 11.64 2.65
C ILE E 212 3.41 10.19 3.12
N ALA E 213 4.56 9.77 3.65
CA ALA E 213 4.65 8.46 4.27
C ALA E 213 4.06 8.52 5.67
N ASN E 214 3.42 7.41 6.06
CA ASN E 214 2.84 7.33 7.39
C ASN E 214 3.91 7.68 8.44
N VAL E 215 5.11 7.14 8.31
CA VAL E 215 6.14 7.33 9.32
C VAL E 215 6.54 8.81 9.45
N PHE E 216 6.51 9.58 8.36
CA PHE E 216 6.90 10.99 8.38
C PHE E 216 6.01 11.81 9.32
N THR E 217 4.72 11.45 9.45
CA THR E 217 3.80 12.20 10.29
C THR E 217 4.26 12.11 11.74
N ASN E 218 5.06 11.07 12.04
CA ASN E 218 5.57 10.87 13.38
C ASN E 218 6.99 11.43 13.48
N ALA E 219 7.84 11.16 12.48
CA ALA E 219 9.24 11.56 12.50
C ALA E 219 9.39 13.08 12.47
N PHE E 220 8.47 13.78 11.78
CA PHE E 220 8.60 15.23 11.64
C PHE E 220 8.19 15.95 12.93
N ARG E 221 7.66 15.20 13.91
CA ARG E 221 7.38 15.73 15.22
C ARG E 221 8.67 15.93 16.01
N TYR E 222 9.84 15.77 15.37
CA TYR E 222 11.12 16.08 15.98
C TYR E 222 11.11 17.53 16.50
N GLY E 223 10.33 18.39 15.82
CA GLY E 223 10.24 19.81 16.14
C GLY E 223 9.80 20.07 17.58
N HIS E 224 9.12 19.11 18.19
CA HIS E 224 8.66 19.24 19.58
C HIS E 224 9.82 19.46 20.54
N THR E 225 11.01 18.96 20.18
CA THR E 225 12.19 19.19 21.00
C THR E 225 12.69 20.64 20.90
N LEU E 226 12.22 21.41 19.94
CA LEU E 226 12.69 22.78 19.73
C LEU E 226 11.86 23.78 20.54
N ILE E 227 10.76 23.31 21.16
CA ILE E 227 9.77 24.20 21.73
C ILE E 227 10.29 24.78 23.05
N GLN E 228 10.21 26.11 23.09
CA GLN E 228 10.52 26.90 24.26
C GLN E 228 9.27 26.97 25.14
N PRO E 229 9.41 27.01 26.49
CA PRO E 229 8.26 27.00 27.38
C PRO E 229 7.50 28.32 27.50
N PHE E 230 7.92 29.36 26.80
CA PHE E 230 7.24 30.63 26.88
C PHE E 230 6.97 31.18 25.48
N MET E 231 5.92 32.01 25.39
CA MET E 231 5.76 32.94 24.28
C MET E 231 6.43 34.27 24.64
N PHE E 232 7.40 34.70 23.81
CA PHE E 232 8.13 35.93 24.04
C PHE E 232 7.60 37.06 23.14
N ARG E 233 7.31 38.23 23.71
CA ARG E 233 6.86 39.38 22.94
C ARG E 233 7.79 40.57 23.17
N LEU E 234 8.16 41.21 22.05
CA LEU E 234 9.14 42.29 22.07
C LEU E 234 8.55 43.52 21.38
N ASP E 235 8.87 44.69 21.92
CA ASP E 235 8.38 45.96 21.40
C ASP E 235 9.26 46.41 20.23
N ASN E 236 9.06 47.64 19.77
CA ASN E 236 9.73 48.14 18.57
C ASN E 236 11.16 48.60 18.89
N ARG E 237 11.64 48.33 20.11
CA ARG E 237 13.07 48.43 20.42
C ARG E 237 13.62 47.05 20.75
N TYR E 238 12.84 46.02 20.44
CA TYR E 238 13.20 44.63 20.73
C TYR E 238 13.41 44.45 22.23
N GLN E 239 12.64 45.18 23.03
CA GLN E 239 12.66 45.01 24.47
C GLN E 239 11.39 44.28 24.90
N PRO E 240 11.39 43.58 26.06
CA PRO E 240 10.21 42.84 26.49
C PRO E 240 8.99 43.74 26.63
N MET E 241 7.83 43.25 26.19
CA MET E 241 6.66 44.10 26.00
C MET E 241 5.59 43.94 27.09
N GLU E 242 5.35 45.04 27.81
CA GLU E 242 4.06 45.43 28.40
C GLU E 242 4.03 44.95 29.85
N PRO E 243 2.98 44.19 30.31
CA PRO E 243 3.09 43.47 31.58
C PRO E 243 3.37 41.96 31.42
N ASN E 244 2.95 41.35 30.29
CA ASN E 244 3.11 39.92 30.06
C ASN E 244 4.06 39.64 28.89
N PRO E 245 5.37 39.94 29.02
CA PRO E 245 6.32 39.69 27.96
C PRO E 245 6.75 38.23 27.76
N ARG E 246 6.60 37.39 28.78
CA ARG E 246 6.97 35.96 28.71
C ARG E 246 5.84 35.14 29.29
N VAL E 247 4.94 34.69 28.43
CA VAL E 247 3.74 33.99 28.85
C VAL E 247 4.04 32.51 28.79
N PRO E 248 3.78 31.73 29.86
CA PRO E 248 3.95 30.27 29.77
C PRO E 248 3.08 29.65 28.70
N LEU E 249 3.60 28.62 28.02
CA LEU E 249 2.96 28.11 26.81
C LEU E 249 1.55 27.56 27.14
N SER E 250 1.36 27.00 28.34
CA SER E 250 0.09 26.47 28.79
C SER E 250 -0.97 27.55 28.98
N ARG E 251 -0.64 28.82 28.75
CA ARG E 251 -1.63 29.88 28.74
C ARG E 251 -1.69 30.57 27.38
N VAL E 252 -1.09 29.97 26.34
CA VAL E 252 -1.18 30.57 25.03
C VAL E 252 -1.87 29.61 24.04
N PHE E 253 -2.09 28.34 24.40
CA PHE E 253 -2.69 27.40 23.45
C PHE E 253 -4.13 27.85 23.18
N PHE E 254 -4.45 28.03 21.90
CA PHE E 254 -5.76 28.46 21.41
C PHE E 254 -6.10 29.87 21.88
N ALA E 255 -5.13 30.65 22.32
CA ALA E 255 -5.38 31.96 22.88
C ALA E 255 -5.38 33.02 21.78
N SER E 256 -6.40 32.94 20.90
CA SER E 256 -6.55 33.83 19.77
C SER E 256 -6.73 35.28 20.24
N TRP E 257 -7.30 35.44 21.44
CA TRP E 257 -7.55 36.74 22.03
C TRP E 257 -6.27 37.56 22.21
N ARG E 258 -5.13 36.87 22.36
CA ARG E 258 -3.85 37.53 22.57
C ARG E 258 -3.40 38.26 21.31
N VAL E 259 -3.65 37.65 20.15
CA VAL E 259 -3.38 38.29 18.88
C VAL E 259 -4.28 39.52 18.74
N VAL E 260 -5.57 39.35 19.02
CA VAL E 260 -6.57 40.38 18.76
C VAL E 260 -6.45 41.53 19.77
N LEU E 261 -6.29 41.22 21.07
CA LEU E 261 -6.45 42.22 22.13
C LEU E 261 -5.14 42.58 22.83
N GLU E 262 -4.05 41.81 22.64
CA GLU E 262 -2.81 42.10 23.33
C GLU E 262 -1.69 42.42 22.35
N GLY E 263 -2.00 43.05 21.22
CA GLY E 263 -1.01 43.84 20.52
C GLY E 263 -0.63 43.36 19.11
N GLY E 264 -1.37 42.42 18.51
CA GLY E 264 -1.17 42.10 17.10
C GLY E 264 -0.02 41.11 16.90
N ILE E 265 0.49 40.97 15.67
CA ILE E 265 1.44 39.91 15.37
C ILE E 265 2.87 40.43 15.44
N ASP E 266 3.05 41.76 15.40
CA ASP E 266 4.37 42.35 15.41
C ASP E 266 5.20 41.85 16.59
N PRO E 267 4.75 41.97 17.87
CA PRO E 267 5.60 41.58 18.99
C PRO E 267 5.96 40.10 18.99
N ILE E 268 5.02 39.25 18.52
CA ILE E 268 5.21 37.82 18.41
C ILE E 268 6.33 37.53 17.41
N LEU E 269 6.25 38.13 16.22
CA LEU E 269 7.25 37.96 15.18
C LEU E 269 8.63 38.43 15.68
N ARG E 270 8.68 39.53 16.42
CA ARG E 270 9.95 39.99 16.96
C ARG E 270 10.47 38.92 17.93
N GLY E 271 9.56 38.30 18.68
CA GLY E 271 9.92 37.30 19.66
C GLY E 271 10.54 36.08 19.00
N LEU E 272 10.01 35.71 17.82
CA LEU E 272 10.47 34.51 17.14
C LEU E 272 11.87 34.73 16.57
N MET E 273 12.12 35.96 16.09
CA MET E 273 13.37 36.32 15.44
C MET E 273 14.50 36.53 16.46
N ALA E 274 14.21 37.07 17.64
CA ALA E 274 15.24 37.51 18.57
C ALA E 274 15.35 36.62 19.82
N THR E 275 14.77 35.43 19.79
CA THR E 275 14.89 34.45 20.87
C THR E 275 15.46 33.15 20.30
N PRO E 276 16.34 32.44 21.04
CA PRO E 276 16.80 31.13 20.59
C PRO E 276 15.69 30.08 20.61
N ALA E 277 15.77 29.11 19.68
CA ALA E 277 15.09 27.85 19.86
C ALA E 277 15.69 27.16 21.08
N LYS E 278 14.93 26.22 21.65
CA LYS E 278 15.48 25.24 22.56
C LYS E 278 16.34 24.26 21.75
N LEU E 279 17.50 23.94 22.31
CA LEU E 279 18.36 22.86 21.81
C LEU E 279 17.82 21.54 22.32
N ASN E 280 17.78 20.55 21.42
CA ASN E 280 17.51 19.17 21.80
C ASN E 280 18.81 18.59 22.34
N ARG E 281 18.79 18.08 23.58
CA ARG E 281 19.88 17.32 24.12
C ARG E 281 19.33 16.02 24.71
N GLN E 282 20.19 15.00 24.84
CA GLN E 282 19.77 13.64 25.11
C GLN E 282 19.11 13.54 26.49
N ASN E 283 19.46 14.51 27.33
CA ASN E 283 18.99 14.60 28.69
C ASN E 283 17.98 15.75 28.83
N GLN E 284 17.68 16.50 27.76
CA GLN E 284 16.71 17.59 27.81
C GLN E 284 15.85 17.56 26.53
N ILE E 285 14.98 16.55 26.40
CA ILE E 285 14.27 16.28 25.16
C ILE E 285 13.12 17.28 24.97
N ALA E 286 12.20 17.36 25.93
CA ALA E 286 11.02 18.21 25.76
C ALA E 286 10.56 18.83 27.08
N VAL E 287 10.06 20.06 26.98
CA VAL E 287 9.73 20.90 28.14
C VAL E 287 8.37 20.49 28.71
N ASP E 288 8.20 20.73 30.01
CA ASP E 288 7.03 20.30 30.75
C ASP E 288 5.79 21.09 30.34
N GLU E 289 5.94 22.22 29.65
CA GLU E 289 4.77 22.93 29.16
C GLU E 289 4.03 22.12 28.08
N ILE E 290 4.73 21.24 27.35
CA ILE E 290 4.07 20.35 26.41
C ILE E 290 3.96 18.94 27.01
N ARG E 291 4.82 18.62 27.98
CA ARG E 291 4.85 17.28 28.55
C ARG E 291 3.85 17.14 29.69
N GLU E 292 3.51 18.26 30.35
CA GLU E 292 2.65 18.22 31.52
C GLU E 292 1.35 19.02 31.33
N ARG E 293 1.38 20.09 30.52
CA ARG E 293 0.29 21.06 30.57
CA ARG E 293 0.34 21.11 30.56
C ARG E 293 -0.24 21.38 29.17
N LEU E 294 -0.11 20.41 28.26
CA LEU E 294 -0.55 20.66 26.91
C LEU E 294 -2.07 20.84 26.90
N PHE E 295 -2.51 22.02 26.47
CA PHE E 295 -3.92 22.34 26.30
C PHE E 295 -4.70 22.30 27.61
N GLU E 296 -4.06 22.50 28.76
CA GLU E 296 -4.76 22.30 30.02
C GLU E 296 -5.89 23.32 30.21
N GLN E 297 -5.88 24.45 29.48
CA GLN E 297 -6.89 25.47 29.65
C GLN E 297 -8.21 25.08 28.98
N VAL E 298 -8.18 24.14 28.03
CA VAL E 298 -9.33 23.91 27.18
C VAL E 298 -9.90 22.50 27.32
N MET E 299 -9.41 21.72 28.30
CA MET E 299 -9.91 20.36 28.48
C MET E 299 -9.66 19.88 29.89
N ARG E 300 -10.20 18.70 30.20
CA ARG E 300 -10.33 18.20 31.55
C ARG E 300 -8.96 17.99 32.21
N ILE E 301 -7.92 17.66 31.44
CA ILE E 301 -6.61 17.32 31.97
C ILE E 301 -5.52 17.81 31.03
N GLY E 302 -4.34 18.14 31.57
CA GLY E 302 -3.20 18.47 30.73
C GLY E 302 -2.65 17.25 29.99
N LEU E 303 -2.41 17.36 28.68
CA LEU E 303 -1.90 16.23 27.91
C LEU E 303 -0.36 16.19 27.99
N ASP E 304 0.20 15.10 27.44
CA ASP E 304 1.65 14.92 27.32
C ASP E 304 2.00 14.67 25.86
N LEU E 305 2.60 15.66 25.20
CA LEU E 305 2.77 15.60 23.75
C LEU E 305 3.77 14.52 23.35
N PRO E 306 4.98 14.43 23.96
CA PRO E 306 5.85 13.28 23.72
C PRO E 306 5.14 11.92 23.84
N ALA E 307 4.28 11.76 24.86
CA ALA E 307 3.58 10.50 25.09
C ALA E 307 2.55 10.27 23.98
N LEU E 308 1.84 11.34 23.60
CA LEU E 308 0.91 11.24 22.48
C LEU E 308 1.64 10.74 21.25
N ASN E 309 2.92 11.11 21.07
CA ASN E 309 3.58 10.87 19.80
C ASN E 309 3.84 9.39 19.64
N MET E 310 4.20 8.78 20.78
CA MET E 310 4.53 7.37 20.89
C MET E 310 3.25 6.54 20.87
N GLN E 311 2.19 6.99 21.54
CA GLN E 311 0.90 6.32 21.42
C GLN E 311 0.41 6.38 19.96
N ARG E 312 0.60 7.53 19.30
CA ARG E 312 0.15 7.72 17.93
C ARG E 312 0.88 6.78 16.97
N SER E 313 2.18 6.57 17.20
CA SER E 313 2.98 5.72 16.33
C SER E 313 2.48 4.28 16.42
N ARG E 314 2.00 3.90 17.61
CA ARG E 314 1.51 2.55 17.83
C ARG E 314 0.13 2.39 17.18
N ASP E 315 -0.69 3.44 17.32
CA ASP E 315 -1.96 3.56 16.65
C ASP E 315 -1.82 3.33 15.15
N HIS E 316 -0.73 3.86 14.56
CA HIS E 316 -0.50 3.80 13.12
C HIS E 316 0.31 2.57 12.72
N GLY E 317 0.61 1.70 13.69
CA GLY E 317 1.25 0.44 13.36
C GLY E 317 2.69 0.63 12.87
N LEU E 318 3.36 1.68 13.36
CA LEU E 318 4.69 1.97 12.85
C LEU E 318 5.68 0.95 13.40
N PRO E 319 6.60 0.44 12.56
CA PRO E 319 7.74 -0.34 13.05
C PRO E 319 8.64 0.44 14.02
N GLY E 320 9.40 -0.31 14.82
CA GLY E 320 10.29 0.29 15.80
C GLY E 320 11.59 0.76 15.18
N TYR E 321 12.51 1.20 16.05
CA TYR E 321 13.72 1.92 15.67
C TYR E 321 14.62 1.10 14.76
N ASN E 322 14.93 -0.16 15.13
CA ASN E 322 15.85 -0.96 14.33
C ASN E 322 15.30 -1.17 12.92
N ALA E 323 13.98 -1.27 12.77
CA ALA E 323 13.41 -1.50 11.45
C ALA E 323 13.65 -0.27 10.57
N TRP E 324 13.53 0.93 11.15
CA TRP E 324 13.72 2.17 10.40
C TRP E 324 15.19 2.43 10.09
N ARG E 325 16.06 2.11 11.06
CA ARG E 325 17.50 2.09 10.85
C ARG E 325 17.84 1.25 9.62
N ARG E 326 17.31 0.01 9.59
CA ARG E 326 17.53 -0.91 8.48
C ARG E 326 17.00 -0.35 7.15
N PHE E 327 15.84 0.30 7.17
CA PHE E 327 15.25 0.87 5.98
C PHE E 327 16.17 1.97 5.43
N CYS E 328 16.84 2.69 6.34
CA CYS E 328 17.77 3.75 6.00
C CYS E 328 19.16 3.24 5.65
N GLY E 329 19.43 1.95 5.84
CA GLY E 329 20.77 1.43 5.59
C GLY E 329 21.76 1.84 6.68
N LEU E 330 21.27 1.96 7.92
CA LEU E 330 22.07 2.27 9.09
C LEU E 330 22.17 1.06 10.00
N PRO E 331 23.34 0.78 10.62
CA PRO E 331 23.48 -0.35 11.53
C PRO E 331 22.38 -0.42 12.58
N GLN E 332 22.00 -1.65 12.96
CA GLN E 332 20.91 -1.86 13.90
C GLN E 332 21.47 -2.42 15.20
N PRO E 333 21.59 -1.63 16.29
CA PRO E 333 22.14 -2.16 17.53
C PRO E 333 21.22 -3.20 18.15
N GLU E 334 21.81 -4.29 18.68
CA GLU E 334 21.06 -5.35 19.35
C GLU E 334 21.24 -5.25 20.87
N THR E 335 22.43 -4.85 21.35
CA THR E 335 22.72 -4.85 22.78
C THR E 335 22.73 -3.42 23.29
N VAL E 336 22.68 -3.30 24.64
CA VAL E 336 22.74 -2.03 25.32
C VAL E 336 24.05 -1.31 24.95
N GLY E 337 25.15 -2.06 24.91
CA GLY E 337 26.44 -1.50 24.54
C GLY E 337 26.45 -0.94 23.12
N GLN E 338 25.87 -1.69 22.18
CA GLN E 338 25.81 -1.25 20.79
C GLN E 338 24.93 -0.01 20.66
N LEU E 339 23.79 0.00 21.37
CA LEU E 339 22.92 1.16 21.38
C LEU E 339 23.70 2.36 21.94
N GLY E 340 24.47 2.12 22.99
CA GLY E 340 25.35 3.12 23.58
C GLY E 340 26.29 3.76 22.56
N THR E 341 26.92 2.94 21.73
CA THR E 341 27.82 3.41 20.68
C THR E 341 27.07 4.28 19.66
N VAL E 342 25.91 3.80 19.23
CA VAL E 342 25.08 4.52 18.27
C VAL E 342 24.62 5.86 18.85
N LEU E 343 24.32 5.91 20.15
CA LEU E 343 23.79 7.13 20.74
C LEU E 343 24.92 8.01 21.28
N ARG E 344 26.13 7.45 21.37
CA ARG E 344 27.27 8.08 22.02
C ARG E 344 26.83 8.52 23.40
N ASN E 345 26.19 7.58 24.09
CA ASN E 345 25.52 7.84 25.36
C ASN E 345 24.99 6.52 25.93
N LEU E 346 25.86 5.85 26.66
CA LEU E 346 25.53 4.58 27.29
C LEU E 346 24.43 4.78 28.33
N LYS E 347 24.48 5.90 29.05
CA LYS E 347 23.49 6.18 30.07
C LYS E 347 22.09 6.15 29.45
N LEU E 348 21.89 6.88 28.35
CA LEU E 348 20.58 6.93 27.73
C LEU E 348 20.23 5.55 27.16
N ALA E 349 21.26 4.82 26.69
CA ALA E 349 20.98 3.51 26.13
C ALA E 349 20.41 2.62 27.23
N ARG E 350 20.99 2.67 28.43
N ARG E 350 21.01 2.68 28.43
CA ARG E 350 20.52 1.84 29.53
CA ARG E 350 20.56 1.89 29.56
C ARG E 350 19.08 2.22 29.89
C ARG E 350 19.10 2.22 29.89
N LYS E 351 18.76 3.51 29.82
CA LYS E 351 17.41 3.97 30.12
C LYS E 351 16.41 3.46 29.08
N LEU E 352 16.79 3.52 27.79
CA LEU E 352 15.94 3.07 26.72
C LEU E 352 15.72 1.55 26.81
N MET E 353 16.73 0.79 27.26
CA MET E 353 16.62 -0.66 27.37
C MET E 353 15.78 -1.08 28.59
N GLU E 354 15.84 -0.31 29.69
CA GLU E 354 15.01 -0.53 30.85
C GLU E 354 13.53 -0.36 30.52
N GLN E 355 13.21 0.54 29.56
CA GLN E 355 11.84 0.76 29.17
C GLN E 355 11.38 -0.25 28.13
N TYR E 356 12.23 -0.51 27.11
CA TYR E 356 11.75 -1.14 25.89
C TYR E 356 12.18 -2.60 25.77
N GLY E 357 13.27 -2.99 26.47
CA GLY E 357 13.70 -4.38 26.48
C GLY E 357 14.66 -4.69 25.32
N THR E 358 14.38 -4.15 24.12
CA THR E 358 15.19 -4.32 22.92
C THR E 358 15.07 -3.05 22.08
N PRO E 359 16.13 -2.64 21.33
CA PRO E 359 16.03 -1.49 20.46
C PRO E 359 15.10 -1.73 19.28
N ASN E 360 14.69 -2.98 19.07
CA ASN E 360 13.73 -3.33 18.04
C ASN E 360 12.40 -2.65 18.33
N ASN E 361 12.14 -2.35 19.62
CA ASN E 361 10.83 -1.91 20.08
C ASN E 361 10.77 -0.43 20.44
N ILE E 362 11.89 0.30 20.41
CA ILE E 362 11.89 1.72 20.70
C ILE E 362 11.03 2.41 19.64
N ASP E 363 10.09 3.26 20.09
CA ASP E 363 9.16 3.93 19.21
C ASP E 363 9.92 4.95 18.37
N ILE E 364 9.47 5.17 17.12
CA ILE E 364 10.28 5.87 16.15
C ILE E 364 10.56 7.30 16.61
N TRP E 365 9.59 8.01 17.18
CA TRP E 365 9.89 9.38 17.58
C TRP E 365 10.95 9.39 18.67
N MET E 366 10.79 8.46 19.64
CA MET E 366 11.63 8.41 20.82
C MET E 366 13.04 8.05 20.38
N GLY E 367 13.16 7.08 19.49
CA GLY E 367 14.48 6.69 19.03
C GLY E 367 15.11 7.74 18.13
N GLY E 368 14.29 8.33 17.24
CA GLY E 368 14.74 9.38 16.33
C GLY E 368 15.33 10.58 17.08
N VAL E 369 14.62 11.04 18.13
CA VAL E 369 15.03 12.25 18.83
C VAL E 369 16.16 11.93 19.81
N SER E 370 16.39 10.66 20.11
CA SER E 370 17.44 10.25 21.04
C SER E 370 18.81 10.27 20.38
N GLU E 371 18.87 10.31 19.04
CA GLU E 371 20.13 10.15 18.33
C GLU E 371 20.94 11.43 18.41
N PRO E 372 22.28 11.36 18.48
CA PRO E 372 23.10 12.58 18.41
C PRO E 372 22.87 13.36 17.12
N LEU E 373 22.98 14.68 17.20
CA LEU E 373 22.64 15.56 16.08
C LEU E 373 23.78 15.59 15.06
N LYS E 374 23.45 15.58 13.78
CA LYS E 374 24.44 15.75 12.73
C LYS E 374 25.06 17.15 12.84
N ARG E 375 26.36 17.24 12.50
CA ARG E 375 27.09 18.51 12.44
C ARG E 375 26.27 19.53 11.63
N LYS E 376 25.90 20.62 12.32
CA LYS E 376 25.16 21.73 11.75
C LYS E 376 23.75 21.34 11.34
N GLY E 377 23.27 20.23 11.88
CA GLY E 377 21.86 19.91 11.80
C GLY E 377 21.24 19.74 13.19
N ARG E 378 19.94 19.41 13.21
CA ARG E 378 19.20 19.28 14.46
C ARG E 378 18.40 17.97 14.44
N VAL E 379 18.82 17.02 13.61
CA VAL E 379 18.36 15.65 13.71
C VAL E 379 19.57 14.71 13.58
N GLY E 380 19.44 13.49 14.08
CA GLY E 380 20.44 12.46 13.85
C GLY E 380 20.27 11.78 12.49
N PRO E 381 21.11 10.78 12.19
CA PRO E 381 21.07 10.10 10.90
C PRO E 381 19.71 9.50 10.53
N LEU E 382 19.00 8.91 11.51
CA LEU E 382 17.76 8.21 11.23
C LEU E 382 16.72 9.21 10.74
N LEU E 383 16.49 10.26 11.54
CA LEU E 383 15.51 11.27 11.18
C LEU E 383 15.98 12.03 9.96
N ALA E 384 17.30 12.22 9.77
CA ALA E 384 17.77 12.87 8.57
C ALA E 384 17.36 12.06 7.34
N CYS E 385 17.49 10.73 7.40
CA CYS E 385 17.09 9.85 6.31
C CYS E 385 15.60 9.94 5.99
N ILE E 386 14.73 9.90 7.00
CA ILE E 386 13.30 9.89 6.77
C ILE E 386 12.83 11.26 6.24
N ILE E 387 13.22 12.35 6.92
CA ILE E 387 12.80 13.70 6.56
C ILE E 387 13.36 14.07 5.19
N GLY E 388 14.63 13.77 4.96
CA GLY E 388 15.30 14.07 3.70
C GLY E 388 14.64 13.34 2.54
N THR E 389 14.33 12.06 2.74
CA THR E 389 13.68 11.25 1.71
C THR E 389 12.31 11.84 1.37
N GLN E 390 11.52 12.14 2.38
CA GLN E 390 10.20 12.68 2.17
C GLN E 390 10.27 13.95 1.30
N PHE E 391 11.10 14.92 1.69
CA PHE E 391 11.16 16.22 1.05
C PHE E 391 11.72 16.09 -0.35
N ARG E 392 12.57 15.08 -0.57
CA ARG E 392 13.06 14.79 -1.91
C ARG E 392 11.89 14.37 -2.80
N LYS E 393 10.97 13.60 -2.26
CA LYS E 393 9.83 13.16 -3.04
C LYS E 393 8.86 14.32 -3.31
N LEU E 394 8.69 15.21 -2.35
CA LEU E 394 7.76 16.32 -2.49
C LEU E 394 8.28 17.30 -3.56
N ARG E 395 9.61 17.37 -3.70
CA ARG E 395 10.22 18.27 -4.66
C ARG E 395 10.16 17.66 -6.06
N ASP E 396 10.79 16.49 -6.23
CA ASP E 396 11.01 15.86 -7.52
C ASP E 396 9.71 15.31 -8.11
N GLY E 397 8.73 15.04 -7.24
CA GLY E 397 7.46 14.45 -7.64
C GLY E 397 6.34 15.49 -7.78
N ASP E 398 6.74 16.79 -7.78
CA ASP E 398 5.79 17.89 -7.87
C ASP E 398 5.90 18.58 -9.21
N ARG E 399 4.82 18.47 -9.98
CA ARG E 399 4.77 19.00 -11.33
C ARG E 399 4.77 20.52 -11.31
N PHE E 400 4.35 21.13 -10.19
CA PHE E 400 4.35 22.58 -10.09
C PHE E 400 5.52 23.09 -9.25
N TRP E 401 6.59 22.30 -9.06
CA TRP E 401 7.76 22.80 -8.35
C TRP E 401 8.32 24.04 -9.07
N TRP E 402 8.70 25.05 -8.28
CA TRP E 402 8.87 26.39 -8.82
C TRP E 402 10.01 26.45 -9.86
N GLU E 403 10.95 25.49 -9.84
CA GLU E 403 12.05 25.46 -10.82
C GLU E 403 11.78 24.47 -11.95
N ASN E 404 10.61 23.83 -12.00
CA ASN E 404 10.29 22.95 -13.11
C ASN E 404 10.02 23.81 -14.33
N GLU E 405 10.59 23.44 -15.49
CA GLU E 405 10.49 24.20 -16.72
C GLU E 405 9.02 24.38 -17.04
N GLY E 406 8.62 25.57 -17.49
CA GLY E 406 7.23 25.86 -17.84
C GLY E 406 6.36 26.31 -16.66
N VAL E 407 6.83 26.17 -15.42
CA VAL E 407 6.05 26.67 -14.30
C VAL E 407 6.20 28.20 -14.24
N PHE E 408 7.42 28.71 -14.13
CA PHE E 408 7.67 30.13 -14.22
C PHE E 408 8.62 30.36 -15.38
N SER E 409 8.67 31.60 -15.90
CA SER E 409 9.67 32.00 -16.88
C SER E 409 11.03 32.10 -16.20
N MET E 410 12.08 32.27 -17.01
CA MET E 410 13.41 32.49 -16.46
C MET E 410 13.41 33.80 -15.66
N GLN E 411 12.73 34.82 -16.17
CA GLN E 411 12.79 36.13 -15.55
C GLN E 411 12.09 36.05 -14.19
N GLN E 412 10.99 35.32 -14.14
CA GLN E 412 10.23 35.18 -12.91
C GLN E 412 11.03 34.39 -11.87
N ARG E 413 11.69 33.32 -12.33
CA ARG E 413 12.51 32.49 -11.47
CA ARG E 413 12.50 32.50 -11.44
C ARG E 413 13.64 33.35 -10.86
N GLN E 414 14.21 34.27 -11.66
CA GLN E 414 15.31 35.08 -11.16
C GLN E 414 14.77 36.07 -10.13
N ALA E 415 13.57 36.61 -10.37
CA ALA E 415 12.91 37.51 -9.44
C ALA E 415 12.63 36.78 -8.12
N LEU E 416 12.25 35.49 -8.20
CA LEU E 416 11.83 34.71 -7.05
C LEU E 416 13.01 34.37 -6.15
N ALA E 417 14.20 34.26 -6.75
CA ALA E 417 15.40 33.93 -6.00
C ALA E 417 15.75 35.00 -4.96
N GLN E 418 15.17 36.21 -5.10
CA GLN E 418 15.48 37.33 -4.21
C GLN E 418 14.61 37.33 -2.95
N ILE E 419 13.57 36.51 -2.90
CA ILE E 419 12.64 36.55 -1.79
C ILE E 419 13.34 36.04 -0.53
N SER E 420 12.89 36.54 0.63
CA SER E 420 13.29 36.00 1.92
C SER E 420 12.18 36.24 2.93
N LEU E 421 12.12 35.40 3.97
CA LEU E 421 11.12 35.58 5.01
C LEU E 421 11.31 36.91 5.73
N PRO E 422 12.53 37.38 6.08
CA PRO E 422 12.70 38.73 6.60
C PRO E 422 12.03 39.82 5.78
N ARG E 423 12.15 39.75 4.45
CA ARG E 423 11.55 40.75 3.58
C ARG E 423 10.02 40.67 3.66
N ILE E 424 9.48 39.47 3.75
CA ILE E 424 8.03 39.27 3.79
C ILE E 424 7.47 39.92 5.06
N ILE E 425 8.29 39.92 6.13
CA ILE E 425 7.90 40.51 7.39
C ILE E 425 7.91 42.03 7.27
N CYS E 426 8.93 42.60 6.64
CA CYS E 426 9.00 44.03 6.44
C CYS E 426 7.77 44.54 5.67
N ASP E 427 7.35 43.80 4.64
CA ASP E 427 6.35 44.24 3.70
C ASP E 427 4.92 44.14 4.24
N ASN E 428 4.70 43.38 5.32
CA ASN E 428 3.35 43.09 5.76
C ASN E 428 3.13 43.38 7.25
N THR E 429 4.07 44.08 7.91
CA THR E 429 3.94 44.38 9.34
C THR E 429 4.56 45.75 9.61
N GLY E 430 4.44 46.22 10.86
CA GLY E 430 5.04 47.47 11.31
C GLY E 430 6.50 47.33 11.76
N ILE E 431 7.11 46.15 11.55
CA ILE E 431 8.48 45.89 11.93
C ILE E 431 9.43 46.54 10.91
N THR E 432 10.41 47.32 11.39
CA THR E 432 11.35 47.96 10.48
C THR E 432 12.74 47.34 10.63
N THR E 433 12.95 46.49 11.65
CA THR E 433 14.24 45.83 11.85
C THR E 433 14.01 44.31 11.97
N VAL E 434 14.85 43.53 11.26
CA VAL E 434 14.63 42.11 11.04
C VAL E 434 15.95 41.36 11.03
N SER E 435 15.85 40.04 11.21
CA SER E 435 16.95 39.10 11.13
C SER E 435 17.68 39.26 9.81
N LYS E 436 19.01 39.12 9.87
CA LYS E 436 19.83 39.06 8.68
C LYS E 436 20.09 37.61 8.26
N ASN E 437 21.04 37.48 7.30
CA ASN E 437 21.73 36.25 6.94
C ASN E 437 20.65 35.24 6.66
N ASN E 438 20.64 34.13 7.42
CA ASN E 438 19.54 33.17 7.43
C ASN E 438 18.70 33.37 8.68
N ILE E 439 17.44 33.70 8.51
CA ILE E 439 16.53 34.03 9.60
C ILE E 439 16.45 32.91 10.65
N PHE E 440 16.70 31.67 10.23
CA PHE E 440 16.56 30.52 11.09
C PHE E 440 17.75 30.35 12.02
N MET E 441 18.86 31.04 11.71
CA MET E 441 20.08 30.93 12.47
C MET E 441 20.29 32.22 13.28
N SER E 442 20.07 33.39 12.66
CA SER E 442 20.12 34.67 13.34
C SER E 442 19.13 34.65 14.51
N ASN E 443 19.58 35.05 15.72
CA ASN E 443 18.71 34.94 16.89
C ASN E 443 18.98 35.97 17.99
N SER E 444 19.94 36.90 17.83
CA SER E 444 20.31 37.80 18.92
C SER E 444 20.24 39.26 18.46
N TYR E 445 19.40 40.07 19.10
CA TYR E 445 19.29 41.50 18.80
C TYR E 445 20.26 42.24 19.71
N PRO E 446 21.03 43.26 19.24
CA PRO E 446 21.04 43.75 17.86
C PRO E 446 22.03 43.10 16.89
N ARG E 447 22.94 42.27 17.40
CA ARG E 447 24.02 41.67 16.62
C ARG E 447 23.55 41.20 15.24
N ASP E 448 22.42 40.48 15.18
CA ASP E 448 22.05 39.77 13.97
C ASP E 448 20.89 40.43 13.23
N PHE E 449 20.72 41.75 13.36
CA PHE E 449 19.58 42.44 12.76
C PHE E 449 20.02 43.56 11.81
N VAL E 450 19.13 43.88 10.86
CA VAL E 450 19.32 44.93 9.87
C VAL E 450 18.01 45.68 9.65
N ASN E 451 18.13 46.88 9.07
CA ASN E 451 16.97 47.67 8.69
C ASN E 451 16.34 47.03 7.45
N CYS E 452 15.03 47.17 7.33
CA CYS E 452 14.25 46.62 6.23
C CYS E 452 14.66 47.27 4.90
N SER E 453 15.17 48.49 4.95
CA SER E 453 15.54 49.24 3.76
C SER E 453 16.72 48.62 3.00
N THR E 454 17.49 47.72 3.64
CA THR E 454 18.68 47.16 3.01
C THR E 454 18.32 45.93 2.19
N LEU E 455 17.06 45.50 2.27
CA LEU E 455 16.66 44.27 1.62
C LEU E 455 15.84 44.62 0.39
N PRO E 456 16.10 43.99 -0.77
CA PRO E 456 15.36 44.30 -1.98
C PRO E 456 13.99 43.62 -1.97
N ALA E 457 12.97 44.32 -2.47
CA ALA E 457 11.63 43.75 -2.57
C ALA E 457 11.60 42.74 -3.72
N LEU E 458 10.57 41.87 -3.71
CA LEU E 458 10.25 41.04 -4.87
C LEU E 458 9.74 41.94 -6.01
N ASN E 459 10.45 41.94 -7.13
CA ASN E 459 10.11 42.71 -8.32
C ASN E 459 9.21 41.86 -9.23
N LEU E 460 7.96 42.33 -9.46
CA LEU E 460 6.97 41.57 -10.18
C LEU E 460 6.88 42.00 -11.65
N ALA E 461 7.92 42.63 -12.19
CA ALA E 461 7.80 43.25 -13.50
C ALA E 461 7.67 42.20 -14.61
N SER E 462 8.20 40.99 -14.40
CA SER E 462 8.12 39.91 -15.38
C SER E 462 6.77 39.19 -15.33
N TRP E 463 5.89 39.59 -14.41
CA TRP E 463 4.51 39.11 -14.39
C TRP E 463 3.59 40.03 -15.21
N ARG E 464 4.18 41.02 -15.92
CA ARG E 464 3.42 41.89 -16.81
C ARG E 464 2.99 41.10 -18.04
N GLU E 465 1.67 41.03 -18.25
CA GLU E 465 1.08 40.59 -19.49
C GLU E 465 0.42 41.79 -20.15
N ALA E 466 0.69 41.99 -21.45
CA ALA E 466 0.08 43.06 -22.21
C ALA E 466 -1.45 42.91 -22.17
N VAL F 1 -25.69 -7.07 -15.00
CA VAL F 1 -25.68 -7.71 -13.64
C VAL F 1 -25.10 -9.13 -13.75
N ASN F 2 -25.71 -10.05 -14.54
CA ASN F 2 -25.06 -11.33 -14.82
C ASN F 2 -24.06 -11.17 -15.97
N CYS F 3 -22.77 -11.10 -15.60
CA CYS F 3 -21.66 -10.88 -16.51
C CYS F 3 -21.47 -12.04 -17.50
N GLU F 4 -22.04 -13.21 -17.20
CA GLU F 4 -21.84 -14.38 -18.04
C GLU F 4 -22.72 -14.33 -19.30
N THR F 5 -23.93 -13.75 -19.19
CA THR F 5 -24.93 -13.79 -20.26
C THR F 5 -25.29 -12.40 -20.80
N SER F 6 -24.74 -11.34 -20.21
CA SER F 6 -25.11 -9.99 -20.60
C SER F 6 -23.85 -9.20 -20.99
N CYS F 7 -24.06 -8.15 -21.79
CA CYS F 7 -22.97 -7.34 -22.32
C CYS F 7 -23.05 -5.93 -21.77
N VAL F 8 -23.91 -5.72 -20.76
CA VAL F 8 -24.05 -4.43 -20.11
C VAL F 8 -22.83 -4.22 -19.20
N GLN F 9 -22.24 -3.02 -19.29
CA GLN F 9 -21.15 -2.63 -18.42
C GLN F 9 -21.75 -1.99 -17.17
N GLN F 10 -22.03 -2.83 -16.17
CA GLN F 10 -22.42 -2.38 -14.85
C GLN F 10 -21.71 -3.25 -13.82
N PRO F 11 -21.23 -2.70 -12.68
CA PRO F 11 -20.44 -3.49 -11.77
C PRO F 11 -21.18 -4.74 -11.30
N PRO F 12 -20.51 -5.90 -11.11
CA PRO F 12 -19.06 -6.03 -11.26
C PRO F 12 -18.56 -6.48 -12.63
N CYS F 13 -19.36 -6.29 -13.68
CA CYS F 13 -18.99 -6.76 -15.01
C CYS F 13 -18.15 -5.70 -15.74
N PHE F 14 -17.09 -6.15 -16.41
CA PHE F 14 -16.29 -5.27 -17.25
C PHE F 14 -16.03 -6.03 -18.55
N PRO F 15 -17.07 -6.22 -19.40
CA PRO F 15 -16.99 -7.12 -20.53
C PRO F 15 -16.07 -6.55 -21.60
N LEU F 16 -15.44 -7.43 -22.36
CA LEU F 16 -14.51 -7.00 -23.40
C LEU F 16 -15.33 -6.71 -24.65
N LYS F 17 -15.20 -5.50 -25.20
CA LYS F 17 -15.93 -5.16 -26.40
C LYS F 17 -15.22 -5.74 -27.62
N ILE F 18 -15.98 -5.82 -28.71
CA ILE F 18 -15.60 -6.57 -29.89
C ILE F 18 -15.32 -5.55 -30.98
N PRO F 19 -14.14 -5.60 -31.64
CA PRO F 19 -13.84 -4.66 -32.71
C PRO F 19 -14.55 -5.04 -34.01
N PRO F 20 -14.61 -4.15 -35.02
CA PRO F 20 -15.12 -4.55 -36.32
C PRO F 20 -14.14 -5.50 -37.01
N ASN F 21 -14.64 -6.45 -37.79
CA ASN F 21 -13.75 -7.34 -38.52
C ASN F 21 -13.03 -8.31 -37.59
N ASP F 22 -13.62 -8.65 -36.45
CA ASP F 22 -13.11 -9.74 -35.63
C ASP F 22 -13.20 -11.03 -36.46
N PRO F 23 -12.15 -11.88 -36.47
CA PRO F 23 -12.17 -13.10 -37.27
C PRO F 23 -13.15 -14.16 -36.77
N ARG F 24 -13.71 -14.00 -35.56
CA ARG F 24 -14.57 -15.01 -34.97
C ARG F 24 -15.93 -14.43 -34.58
N ILE F 25 -15.93 -13.27 -33.90
CA ILE F 25 -17.14 -12.69 -33.32
C ILE F 25 -17.61 -11.52 -34.18
N LYS F 26 -18.61 -11.80 -35.01
CA LYS F 26 -19.02 -10.94 -36.12
C LYS F 26 -19.92 -9.82 -35.61
N ASN F 27 -20.63 -10.07 -34.50
CA ASN F 27 -21.66 -9.18 -33.98
C ASN F 27 -21.06 -8.27 -32.91
N GLN F 28 -20.89 -6.99 -33.21
CA GLN F 28 -20.25 -6.04 -32.29
C GLN F 28 -21.09 -5.80 -31.03
N ALA F 29 -22.38 -6.16 -31.03
CA ALA F 29 -23.22 -5.99 -29.87
C ALA F 29 -22.88 -7.05 -28.82
N ASP F 30 -22.17 -8.11 -29.21
CA ASP F 30 -21.74 -9.19 -28.32
C ASP F 30 -20.52 -8.70 -27.52
N CYS F 31 -19.95 -9.59 -26.70
CA CYS F 31 -18.82 -9.27 -25.84
C CYS F 31 -18.15 -10.56 -25.38
N ILE F 32 -16.94 -10.43 -24.83
CA ILE F 32 -16.34 -11.53 -24.07
C ILE F 32 -16.53 -11.26 -22.58
N PRO F 33 -17.19 -12.19 -21.84
CA PRO F 33 -17.47 -12.00 -20.41
C PRO F 33 -16.26 -11.78 -19.52
N PHE F 34 -16.42 -10.93 -18.50
CA PHE F 34 -15.36 -10.62 -17.57
C PHE F 34 -15.93 -10.03 -16.28
N PHE F 35 -15.59 -10.67 -15.15
CA PHE F 35 -15.86 -10.14 -13.82
C PHE F 35 -14.64 -9.41 -13.32
N ARG F 36 -14.82 -8.15 -12.88
CA ARG F 36 -13.76 -7.41 -12.20
C ARG F 36 -13.36 -8.12 -10.90
N SER F 37 -12.05 -8.15 -10.61
CA SER F 37 -11.55 -8.81 -9.41
C SER F 37 -12.12 -8.15 -8.16
N PRO F 39 -12.57 -6.22 -4.87
CA PRO F 39 -11.80 -5.19 -4.19
C PRO F 39 -11.49 -5.52 -2.72
N ALA F 40 -10.29 -5.15 -2.25
CA ALA F 40 -9.93 -5.31 -0.85
C ALA F 40 -10.86 -4.48 0.03
N CYS F 41 -11.18 -3.25 -0.41
CA CYS F 41 -12.07 -2.39 0.38
C CYS F 41 -13.31 -2.02 -0.45
N PRO F 42 -14.32 -2.90 -0.52
CA PRO F 42 -15.46 -2.68 -1.39
C PRO F 42 -16.22 -1.37 -1.12
N GLY F 43 -16.43 -0.58 -2.18
CA GLY F 43 -17.35 0.55 -2.11
C GLY F 43 -16.73 1.85 -1.60
N SER F 44 -15.39 1.89 -1.45
CA SER F 44 -14.72 3.03 -0.82
C SER F 44 -14.38 4.11 -1.84
N ASN F 45 -14.49 5.36 -1.40
CA ASN F 45 -14.02 6.49 -2.18
C ASN F 45 -12.88 7.19 -1.42
N ILE F 46 -12.12 6.42 -0.63
CA ILE F 46 -10.85 6.91 -0.10
C ILE F 46 -9.69 6.07 -0.62
N THR F 47 -9.79 4.74 -0.47
CA THR F 47 -8.70 3.85 -0.84
C THR F 47 -8.55 3.83 -2.35
N ILE F 48 -7.31 3.62 -2.79
CA ILE F 48 -7.08 3.22 -4.17
C ILE F 48 -7.33 1.71 -4.25
N ARG F 49 -8.15 1.32 -5.22
CA ARG F 49 -8.66 -0.04 -5.30
C ARG F 49 -7.50 -1.02 -5.47
N ASN F 50 -7.60 -2.13 -4.76
CA ASN F 50 -6.62 -3.19 -4.83
C ASN F 50 -7.34 -4.54 -4.81
N GLN F 51 -6.66 -5.59 -5.22
CA GLN F 51 -7.23 -6.91 -5.37
C GLN F 51 -6.69 -7.83 -4.27
N ILE F 52 -7.28 -9.02 -4.17
CA ILE F 52 -7.03 -9.92 -3.05
C ILE F 52 -6.29 -11.16 -3.57
N ASN F 53 -5.35 -11.66 -2.77
CA ASN F 53 -4.80 -12.98 -2.96
C ASN F 53 -5.42 -13.95 -1.96
N ALA F 54 -6.09 -15.00 -2.45
CA ALA F 54 -6.76 -15.95 -1.58
C ALA F 54 -5.83 -17.07 -1.12
N LEU F 55 -4.60 -17.12 -1.62
CA LEU F 55 -3.67 -18.20 -1.29
C LEU F 55 -2.50 -17.65 -0.50
N THR F 56 -1.72 -18.59 0.08
CA THR F 56 -0.44 -18.29 0.69
C THR F 56 0.54 -17.98 -0.43
N SER F 57 1.28 -16.87 -0.28
CA SER F 57 2.32 -16.45 -1.22
C SER F 57 3.48 -17.45 -1.25
N PHE F 58 3.79 -18.03 -0.08
CA PHE F 58 4.94 -18.91 0.07
C PHE F 58 4.79 -20.13 -0.86
N VAL F 59 5.96 -20.63 -1.29
CA VAL F 59 6.06 -21.88 -2.01
C VAL F 59 6.01 -22.98 -0.96
N ASP F 60 4.78 -23.33 -0.56
CA ASP F 60 4.50 -24.18 0.58
C ASP F 60 3.58 -25.35 0.19
N ALA F 61 3.43 -25.57 -1.13
CA ALA F 61 2.59 -26.62 -1.64
C ALA F 61 1.14 -26.39 -1.20
N SER F 62 0.72 -25.12 -1.10
CA SER F 62 -0.63 -24.84 -0.65
C SER F 62 -1.66 -25.31 -1.69
N MET F 63 -1.21 -25.56 -2.93
CA MET F 63 -2.13 -26.04 -3.95
C MET F 63 -2.51 -27.49 -3.66
N VAL F 64 -1.70 -28.17 -2.84
CA VAL F 64 -2.01 -29.51 -2.35
C VAL F 64 -2.86 -29.43 -1.08
N TYR F 65 -2.42 -28.62 -0.11
CA TYR F 65 -2.94 -28.70 1.25
C TYR F 65 -4.05 -27.70 1.56
N GLY F 66 -4.30 -26.73 0.67
CA GLY F 66 -5.24 -25.66 0.92
C GLY F 66 -4.59 -24.47 1.66
N SER F 67 -5.24 -23.30 1.57
CA SER F 67 -4.77 -22.07 2.17
C SER F 67 -5.70 -21.59 3.27
N GLU F 68 -6.77 -22.35 3.54
CA GLU F 68 -7.76 -22.02 4.54
C GLU F 68 -7.99 -23.27 5.40
N GLU F 69 -8.37 -23.03 6.65
CA GLU F 69 -8.36 -24.07 7.68
C GLU F 69 -9.47 -25.08 7.41
N PRO F 70 -10.73 -24.67 7.12
CA PRO F 70 -11.79 -25.64 6.86
C PRO F 70 -11.44 -26.58 5.70
N LEU F 71 -11.08 -25.99 4.55
CA LEU F 71 -10.70 -26.75 3.38
C LEU F 71 -9.61 -27.76 3.73
N ALA F 72 -8.61 -27.33 4.50
CA ALA F 72 -7.46 -28.16 4.82
C ALA F 72 -7.89 -29.41 5.57
N ARG F 73 -8.89 -29.29 6.46
CA ARG F 73 -9.45 -30.44 7.19
C ARG F 73 -10.12 -31.37 6.19
N ASN F 74 -10.99 -30.84 5.32
CA ASN F 74 -11.70 -31.62 4.32
C ASN F 74 -10.79 -32.48 3.45
N LEU F 75 -9.58 -32.00 3.14
CA LEU F 75 -8.67 -32.70 2.26
C LEU F 75 -8.05 -33.92 2.94
N ARG F 76 -8.14 -33.98 4.28
CA ARG F 76 -7.47 -35.03 5.03
C ARG F 76 -8.41 -36.20 5.27
N ASN F 77 -7.80 -37.39 5.36
CA ASN F 77 -8.48 -38.62 5.72
C ASN F 77 -8.50 -38.73 7.25
N MET F 78 -9.71 -38.57 7.82
CA MET F 78 -9.86 -38.46 9.28
C MET F 78 -10.39 -39.78 9.88
N SER F 79 -10.28 -40.87 9.11
CA SER F 79 -10.77 -42.17 9.51
C SER F 79 -9.65 -43.02 10.11
N ASN F 80 -8.47 -42.42 10.29
CA ASN F 80 -7.36 -43.11 10.91
C ASN F 80 -6.29 -42.09 11.31
N GLN F 81 -5.30 -42.55 12.10
CA GLN F 81 -4.20 -41.71 12.54
C GLN F 81 -2.95 -41.98 11.70
N LEU F 82 -3.14 -42.09 10.38
CA LEU F 82 -2.06 -42.43 9.45
C LEU F 82 -1.56 -41.15 8.77
N GLY F 83 -2.24 -40.03 9.03
CA GLY F 83 -1.82 -38.71 8.58
C GLY F 83 -1.91 -38.54 7.07
N LEU F 84 -2.99 -39.05 6.45
CA LEU F 84 -3.09 -39.13 5.00
C LEU F 84 -3.99 -38.02 4.46
N LEU F 85 -3.92 -37.83 3.14
CA LEU F 85 -4.82 -36.97 2.40
C LEU F 85 -5.91 -37.86 1.82
N ALA F 86 -7.17 -37.48 2.07
CA ALA F 86 -8.33 -38.11 1.47
C ALA F 86 -8.08 -38.40 -0.02
N VAL F 87 -8.55 -39.57 -0.47
CA VAL F 87 -8.43 -40.01 -1.86
C VAL F 87 -9.83 -40.35 -2.37
N ASN F 88 -9.97 -40.39 -3.70
CA ASN F 88 -11.23 -40.71 -4.37
C ASN F 88 -11.73 -42.09 -3.95
N GLN F 89 -13.03 -42.19 -3.65
CA GLN F 89 -13.63 -43.38 -3.06
C GLN F 89 -14.39 -44.21 -4.09
N ARG F 90 -14.42 -43.75 -5.34
CA ARG F 90 -15.19 -44.40 -6.38
C ARG F 90 -14.25 -44.98 -7.45
N PHE F 91 -13.15 -44.26 -7.77
CA PHE F 91 -12.30 -44.61 -8.90
C PHE F 91 -10.83 -44.72 -8.50
N GLN F 92 -10.08 -45.50 -9.30
CA GLN F 92 -8.62 -45.58 -9.23
C GLN F 92 -8.04 -45.54 -10.65
N ASP F 93 -6.75 -45.18 -10.81
CA ASP F 93 -6.03 -45.49 -12.04
C ASP F 93 -5.03 -46.62 -11.75
N ASN F 94 -5.46 -47.84 -12.10
CA ASN F 94 -4.60 -49.00 -12.07
C ASN F 94 -4.13 -49.21 -10.64
N GLY F 95 -5.05 -49.07 -9.69
CA GLY F 95 -4.79 -49.40 -8.30
C GLY F 95 -4.34 -48.20 -7.47
N ARG F 96 -3.99 -47.08 -8.12
CA ARG F 96 -3.44 -45.95 -7.40
C ARG F 96 -4.48 -44.83 -7.26
N ALA F 97 -4.21 -43.95 -6.28
CA ALA F 97 -5.17 -42.97 -5.81
C ALA F 97 -5.42 -41.87 -6.85
N LEU F 98 -6.68 -41.46 -6.93
CA LEU F 98 -7.11 -40.27 -7.64
C LEU F 98 -7.60 -39.26 -6.62
N LEU F 99 -7.69 -38.00 -7.05
CA LEU F 99 -8.14 -36.93 -6.17
C LEU F 99 -9.58 -37.23 -5.81
N PRO F 100 -10.02 -36.90 -4.58
CA PRO F 100 -11.44 -36.94 -4.27
C PRO F 100 -12.22 -35.92 -5.10
N PHE F 101 -13.52 -36.17 -5.25
CA PHE F 101 -14.40 -35.29 -6.00
C PHE F 101 -14.85 -34.13 -5.11
N ASP F 102 -14.98 -32.96 -5.75
CA ASP F 102 -15.58 -31.79 -5.15
C ASP F 102 -17.07 -31.83 -5.45
N ASN F 103 -17.80 -30.91 -4.82
CA ASN F 103 -19.25 -30.85 -4.90
C ASN F 103 -19.64 -29.39 -5.07
N LEU F 104 -19.55 -28.90 -6.31
CA LEU F 104 -19.75 -27.49 -6.65
C LEU F 104 -21.20 -27.24 -7.04
N HIS F 105 -21.57 -25.94 -7.07
CA HIS F 105 -22.91 -25.54 -7.46
C HIS F 105 -23.05 -25.81 -8.96
N ASP F 106 -22.37 -25.01 -9.80
CA ASP F 106 -22.39 -25.21 -11.24
C ASP F 106 -21.09 -25.92 -11.59
N ASP F 107 -21.11 -27.26 -11.60
CA ASP F 107 -19.89 -28.02 -11.84
C ASP F 107 -19.59 -27.96 -13.34
N PRO F 108 -18.54 -27.22 -13.77
CA PRO F 108 -18.19 -27.15 -15.18
C PRO F 108 -17.69 -28.47 -15.75
N CYS F 109 -17.06 -29.30 -14.90
CA CYS F 109 -16.55 -30.60 -15.32
C CYS F 109 -17.66 -31.55 -15.78
N LEU F 110 -18.89 -31.37 -15.27
CA LEU F 110 -20.01 -32.18 -15.71
C LEU F 110 -20.49 -31.78 -17.11
N LEU F 111 -20.10 -30.61 -17.62
CA LEU F 111 -20.62 -30.07 -18.87
C LEU F 111 -19.71 -30.38 -20.07
N THR F 112 -18.53 -30.96 -19.82
CA THR F 112 -17.66 -31.41 -20.89
C THR F 112 -18.27 -32.66 -21.54
N ASN F 113 -18.13 -33.84 -20.89
CA ASN F 113 -18.76 -35.07 -21.34
C ASN F 113 -19.94 -35.39 -20.40
N ARG F 114 -21.15 -35.00 -20.82
CA ARG F 114 -22.33 -35.05 -19.97
C ARG F 114 -22.62 -36.48 -19.51
N SER F 115 -22.48 -37.46 -20.42
CA SER F 115 -22.85 -38.84 -20.14
C SER F 115 -21.94 -39.47 -19.08
N ALA F 116 -20.65 -39.14 -19.07
CA ALA F 116 -19.71 -39.74 -18.14
C ALA F 116 -20.02 -39.36 -16.69
N ARG F 117 -20.56 -38.14 -16.48
CA ARG F 117 -20.98 -37.63 -15.18
C ARG F 117 -19.80 -37.66 -14.19
N ILE F 118 -18.63 -37.21 -14.64
CA ILE F 118 -17.47 -37.15 -13.79
C ILE F 118 -17.28 -35.71 -13.32
N PRO F 119 -17.52 -35.40 -12.02
CA PRO F 119 -17.47 -34.04 -11.51
C PRO F 119 -16.03 -33.55 -11.33
N CYS F 120 -15.87 -32.28 -10.93
CA CYS F 120 -14.57 -31.67 -10.74
C CYS F 120 -13.91 -32.25 -9.49
N PHE F 121 -12.57 -32.18 -9.45
CA PHE F 121 -11.79 -32.68 -8.32
C PHE F 121 -11.63 -31.61 -7.26
N LEU F 122 -11.46 -32.10 -6.02
CA LEU F 122 -11.19 -31.28 -4.85
C LEU F 122 -9.70 -31.36 -4.50
N ALA F 123 -9.07 -30.19 -4.40
CA ALA F 123 -7.66 -30.09 -4.06
C ALA F 123 -7.43 -28.81 -3.26
N GLY F 124 -6.18 -28.52 -2.92
CA GLY F 124 -5.86 -27.33 -2.13
C GLY F 124 -6.18 -26.04 -2.88
N ASP F 125 -6.22 -26.13 -4.21
CA ASP F 125 -6.54 -25.00 -5.05
C ASP F 125 -7.70 -25.39 -5.96
N THR F 126 -8.54 -24.40 -6.31
CA THR F 126 -9.83 -24.63 -6.96
C THR F 126 -9.67 -24.91 -8.44
N ARG F 127 -8.47 -24.70 -8.99
CA ARG F 127 -8.30 -24.78 -10.44
C ARG F 127 -7.76 -26.14 -10.89
N SER F 128 -7.86 -27.16 -10.04
CA SER F 128 -7.11 -28.39 -10.27
C SER F 128 -7.66 -29.13 -11.49
N SER F 129 -8.90 -28.87 -11.88
CA SER F 129 -9.54 -29.58 -12.97
C SER F 129 -9.37 -28.86 -14.31
N GLU F 130 -8.67 -27.73 -14.36
CA GLU F 130 -8.79 -26.82 -15.50
C GLU F 130 -8.23 -27.44 -16.78
N MET F 131 -7.15 -28.21 -16.67
CA MET F 131 -6.69 -29.02 -17.80
C MET F 131 -6.16 -30.33 -17.21
N PRO F 132 -6.33 -31.50 -17.86
CA PRO F 132 -5.98 -32.75 -17.23
C PRO F 132 -4.49 -32.89 -16.93
N GLU F 133 -3.67 -32.10 -17.61
CA GLU F 133 -2.24 -32.09 -17.34
C GLU F 133 -1.99 -31.50 -15.96
N LEU F 134 -2.81 -30.53 -15.57
CA LEU F 134 -2.66 -29.91 -14.26
C LEU F 134 -3.09 -30.90 -13.19
N THR F 135 -4.24 -31.54 -13.44
CA THR F 135 -4.81 -32.55 -12.57
C THR F 135 -3.78 -33.63 -12.27
N SER F 136 -3.01 -34.03 -13.29
CA SER F 136 -2.08 -35.15 -13.16
C SER F 136 -0.99 -34.78 -12.16
N MET F 137 -0.48 -33.55 -12.32
CA MET F 137 0.51 -33.00 -11.43
C MET F 137 -0.01 -32.94 -9.99
N HIS F 138 -1.27 -32.50 -9.81
CA HIS F 138 -1.94 -32.51 -8.52
C HIS F 138 -2.02 -33.92 -7.92
N THR F 139 -2.45 -34.88 -8.75
CA THR F 139 -2.63 -36.26 -8.33
C THR F 139 -1.28 -36.85 -7.92
N LEU F 140 -0.24 -36.47 -8.65
CA LEU F 140 1.10 -36.92 -8.33
C LEU F 140 1.46 -36.50 -6.91
N LEU F 141 1.25 -35.22 -6.58
CA LEU F 141 1.70 -34.69 -5.30
C LEU F 141 0.87 -35.24 -4.14
N LEU F 142 -0.43 -35.47 -4.36
CA LEU F 142 -1.27 -36.19 -3.41
C LEU F 142 -0.67 -37.57 -3.09
N ARG F 143 -0.40 -38.37 -4.12
CA ARG F 143 0.16 -39.70 -3.92
C ARG F 143 1.50 -39.64 -3.16
N GLU F 144 2.34 -38.66 -3.48
CA GLU F 144 3.64 -38.57 -2.87
C GLU F 144 3.52 -38.20 -1.38
N HIS F 145 2.45 -37.48 -1.01
CA HIS F 145 2.21 -37.22 0.40
C HIS F 145 1.83 -38.51 1.13
N ASN F 146 1.02 -39.36 0.48
CA ASN F 146 0.55 -40.58 1.10
C ASN F 146 1.70 -41.58 1.19
N ARG F 147 2.58 -41.61 0.18
CA ARG F 147 3.72 -42.51 0.17
C ARG F 147 4.65 -42.17 1.34
N LEU F 148 4.83 -40.86 1.56
CA LEU F 148 5.78 -40.37 2.54
C LEU F 148 5.23 -40.69 3.93
N ALA F 149 3.96 -40.34 4.16
CA ALA F 149 3.33 -40.58 5.45
C ALA F 149 3.35 -42.07 5.79
N THR F 150 3.11 -42.91 4.77
CA THR F 150 3.16 -44.35 4.97
C THR F 150 4.58 -44.74 5.40
N GLU F 151 5.58 -44.21 4.69
CA GLU F 151 6.96 -44.61 4.95
C GLU F 151 7.39 -44.14 6.33
N LEU F 152 6.97 -42.92 6.70
CA LEU F 152 7.26 -42.34 8.01
C LEU F 152 6.54 -43.14 9.10
N LYS F 153 5.34 -43.65 8.79
CA LYS F 153 4.54 -44.37 9.77
C LYS F 153 5.29 -45.63 10.18
N SER F 154 5.84 -46.31 9.17
CA SER F 154 6.66 -47.49 9.34
C SER F 154 7.91 -47.19 10.16
N LEU F 155 8.55 -46.06 9.85
CA LEU F 155 9.85 -45.71 10.43
C LEU F 155 9.67 -45.21 11.86
N ASN F 156 8.50 -44.64 12.15
CA ASN F 156 8.16 -44.08 13.46
C ASN F 156 6.76 -44.54 13.84
N PRO F 157 6.62 -45.74 14.46
CA PRO F 157 5.31 -46.25 14.84
C PRO F 157 4.57 -45.35 15.83
N ARG F 158 5.35 -44.70 16.71
CA ARG F 158 4.84 -43.83 17.77
C ARG F 158 3.95 -42.73 17.21
N TRP F 159 4.36 -42.13 16.09
CA TRP F 159 3.79 -40.89 15.62
C TRP F 159 2.29 -40.99 15.42
N ASP F 160 1.57 -39.93 15.85
CA ASP F 160 0.16 -39.74 15.56
C ASP F 160 0.00 -39.17 14.14
N GLY F 161 -1.26 -39.13 13.67
CA GLY F 161 -1.59 -38.70 12.32
C GLY F 161 -1.26 -37.23 12.06
N GLU F 162 -1.37 -36.39 13.10
CA GLU F 162 -1.00 -34.99 12.97
C GLU F 162 0.47 -34.89 12.60
N ARG F 163 1.31 -35.63 13.33
CA ARG F 163 2.76 -35.61 13.16
C ARG F 163 3.14 -36.12 11.77
N LEU F 164 2.50 -37.22 11.35
CA LEU F 164 2.73 -37.83 10.05
C LEU F 164 2.31 -36.87 8.94
N TYR F 165 1.15 -36.24 9.11
CA TYR F 165 0.62 -35.31 8.14
C TYR F 165 1.55 -34.12 7.96
N GLN F 166 1.97 -33.51 9.08
CA GLN F 166 2.81 -32.31 9.02
C GLN F 166 4.18 -32.62 8.43
N GLU F 167 4.77 -33.76 8.80
CA GLU F 167 6.13 -34.08 8.37
C GLU F 167 6.13 -34.36 6.87
N ALA F 168 5.10 -35.05 6.39
CA ALA F 168 4.96 -35.33 4.98
C ALA F 168 4.75 -34.03 4.21
N ARG F 169 3.86 -33.17 4.74
CA ARG F 169 3.57 -31.86 4.17
C ARG F 169 4.85 -31.02 4.07
N LYS F 170 5.68 -31.06 5.10
CA LYS F 170 6.91 -30.29 5.15
C LYS F 170 7.89 -30.83 4.11
N ILE F 171 7.91 -32.15 3.91
CA ILE F 171 8.74 -32.71 2.85
C ILE F 171 8.22 -32.28 1.49
N VAL F 172 6.91 -32.38 1.27
CA VAL F 172 6.31 -32.08 -0.02
C VAL F 172 6.53 -30.61 -0.39
N GLY F 173 6.48 -29.72 0.61
CA GLY F 173 6.73 -28.31 0.39
C GLY F 173 8.18 -28.05 -0.01
N ALA F 174 9.11 -28.79 0.57
CA ALA F 174 10.54 -28.67 0.29
C ALA F 174 10.86 -29.17 -1.12
N MET F 175 10.08 -30.14 -1.62
CA MET F 175 10.29 -30.67 -2.96
C MET F 175 9.84 -29.67 -4.01
N VAL F 176 8.74 -28.94 -3.73
CA VAL F 176 8.23 -27.91 -4.62
C VAL F 176 9.24 -26.75 -4.68
N GLN F 177 9.83 -26.41 -3.52
CA GLN F 177 10.88 -25.38 -3.46
C GLN F 177 12.09 -25.79 -4.29
N ILE F 178 12.56 -27.03 -4.16
CA ILE F 178 13.80 -27.48 -4.77
C ILE F 178 13.60 -27.61 -6.28
N ILE F 179 12.50 -28.21 -6.70
CA ILE F 179 12.24 -28.36 -8.12
C ILE F 179 12.17 -26.95 -8.73
N THR F 180 11.44 -26.04 -8.06
CA THR F 180 11.19 -24.70 -8.59
C THR F 180 12.48 -23.91 -8.75
N TYR F 181 13.32 -23.85 -7.71
CA TYR F 181 14.44 -22.93 -7.70
C TYR F 181 15.69 -23.53 -8.35
N ARG F 182 15.91 -24.84 -8.19
CA ARG F 182 17.06 -25.53 -8.77
C ARG F 182 16.84 -25.83 -10.26
N ASP F 183 15.64 -26.26 -10.64
CA ASP F 183 15.39 -26.84 -11.96
C ASP F 183 14.54 -25.93 -12.87
N TYR F 184 13.56 -25.20 -12.32
CA TYR F 184 12.59 -24.47 -13.14
C TYR F 184 13.08 -23.06 -13.44
N LEU F 185 13.31 -22.25 -12.40
CA LEU F 185 13.54 -20.82 -12.57
C LEU F 185 14.77 -20.53 -13.45
N PRO F 186 15.88 -21.32 -13.36
CA PRO F 186 17.01 -21.12 -14.26
C PRO F 186 16.64 -21.18 -15.74
N LEU F 187 15.69 -22.05 -16.08
CA LEU F 187 15.26 -22.22 -17.47
C LEU F 187 14.22 -21.16 -17.85
N VAL F 188 13.63 -20.48 -16.86
CA VAL F 188 12.76 -19.35 -17.14
C VAL F 188 13.61 -18.11 -17.40
N LEU F 189 14.56 -17.85 -16.49
CA LEU F 189 15.22 -16.56 -16.42
C LEU F 189 16.47 -16.54 -17.30
N GLY F 190 17.13 -17.70 -17.44
CA GLY F 190 18.47 -17.74 -18.02
C GLY F 190 19.55 -17.43 -16.99
N PRO F 191 20.79 -17.92 -17.20
CA PRO F 191 21.86 -17.85 -16.21
C PRO F 191 22.12 -16.45 -15.66
N THR F 192 22.11 -15.46 -16.55
CA THR F 192 22.46 -14.10 -16.20
C THR F 192 21.41 -13.52 -15.24
N ALA F 193 20.13 -13.67 -15.60
CA ALA F 193 19.08 -13.14 -14.75
C ALA F 193 19.04 -13.92 -13.44
N MET F 194 19.33 -15.22 -13.51
CA MET F 194 19.29 -16.05 -12.34
C MET F 194 20.30 -15.55 -11.31
N ARG F 195 21.55 -15.28 -11.73
CA ARG F 195 22.56 -14.80 -10.80
C ARG F 195 22.22 -13.40 -10.28
N LYS F 196 21.63 -12.55 -11.12
CA LYS F 196 21.30 -11.19 -10.70
C LYS F 196 20.10 -11.16 -9.74
N TYR F 197 19.04 -11.95 -9.98
CA TYR F 197 17.83 -11.83 -9.18
C TYR F 197 17.76 -12.91 -8.09
N LEU F 198 18.48 -14.03 -8.28
CA LEU F 198 18.53 -15.08 -7.28
C LEU F 198 19.98 -15.47 -6.99
N PRO F 199 20.78 -14.58 -6.36
CA PRO F 199 22.10 -14.97 -5.84
C PRO F 199 21.97 -16.06 -4.79
N THR F 200 22.99 -16.91 -4.68
CA THR F 200 23.00 -18.00 -3.72
C THR F 200 22.38 -17.55 -2.39
N TYR F 201 21.55 -18.43 -1.82
CA TYR F 201 20.79 -18.17 -0.61
C TYR F 201 21.75 -18.02 0.57
N ARG F 202 21.46 -17.04 1.45
CA ARG F 202 22.26 -16.82 2.65
C ARG F 202 21.47 -17.35 3.84
N SER F 203 20.41 -16.64 4.24
CA SER F 203 19.61 -17.02 5.39
C SER F 203 18.27 -16.29 5.37
N TYR F 204 17.37 -16.64 6.29
CA TYR F 204 16.08 -15.98 6.38
C TYR F 204 16.29 -14.52 6.77
N ASN F 205 15.50 -13.64 6.15
CA ASN F 205 15.52 -12.21 6.43
C ASN F 205 14.09 -11.75 6.73
N ASP F 206 13.82 -11.45 8.01
CA ASP F 206 12.47 -11.13 8.45
C ASP F 206 12.01 -9.72 8.03
N SER F 207 12.86 -8.95 7.33
CA SER F 207 12.49 -7.65 6.81
C SER F 207 12.12 -7.72 5.32
N VAL F 208 12.23 -8.90 4.71
CA VAL F 208 11.85 -9.05 3.31
C VAL F 208 10.35 -9.31 3.23
N ASP F 209 9.65 -8.49 2.46
CA ASP F 209 8.21 -8.59 2.32
C ASP F 209 7.88 -9.75 1.38
N PRO F 210 7.22 -10.82 1.84
CA PRO F 210 6.99 -12.01 1.01
C PRO F 210 5.67 -12.04 0.24
N ARG F 211 4.97 -10.90 0.14
CA ARG F 211 3.68 -10.86 -0.52
C ARG F 211 3.88 -10.91 -2.03
N ILE F 212 2.90 -11.50 -2.71
CA ILE F 212 2.82 -11.40 -4.16
C ILE F 212 2.48 -9.95 -4.49
N ALA F 213 3.29 -9.36 -5.37
CA ALA F 213 2.96 -8.10 -6.00
C ALA F 213 1.81 -8.30 -6.99
N ASN F 214 0.97 -7.28 -7.06
CA ASN F 214 -0.15 -7.27 -7.98
C ASN F 214 0.33 -7.55 -9.41
N VAL F 215 1.39 -6.86 -9.83
CA VAL F 215 1.86 -7.00 -11.20
C VAL F 215 2.25 -8.46 -11.52
N PHE F 216 2.72 -9.24 -10.53
CA PHE F 216 3.21 -10.59 -10.80
C PHE F 216 2.09 -11.53 -11.28
N THR F 217 0.87 -11.35 -10.74
CA THR F 217 -0.29 -12.13 -11.15
C THR F 217 -0.49 -12.01 -12.66
N ASN F 218 -0.07 -10.90 -13.25
CA ASN F 218 -0.20 -10.71 -14.70
C ASN F 218 1.09 -11.11 -15.42
N ALA F 219 2.25 -10.72 -14.88
CA ALA F 219 3.53 -10.99 -15.50
C ALA F 219 3.80 -12.48 -15.63
N PHE F 220 3.35 -13.29 -14.68
CA PHE F 220 3.74 -14.71 -14.65
C PHE F 220 2.86 -15.50 -15.63
N ARG F 221 1.85 -14.85 -16.21
CA ARG F 221 1.09 -15.41 -17.32
C ARG F 221 1.89 -15.41 -18.61
N TYR F 222 3.20 -15.11 -18.54
CA TYR F 222 4.09 -15.32 -19.67
C TYR F 222 3.92 -16.75 -20.16
N GLY F 223 3.53 -17.64 -19.24
CA GLY F 223 3.45 -19.06 -19.53
C GLY F 223 2.35 -19.43 -20.52
N HIS F 224 1.41 -18.52 -20.79
CA HIS F 224 0.42 -18.75 -21.83
C HIS F 224 1.07 -18.92 -23.21
N THR F 225 2.27 -18.37 -23.42
CA THR F 225 2.97 -18.47 -24.71
C THR F 225 3.62 -19.85 -24.92
N LEU F 226 3.71 -20.66 -23.85
CA LEU F 226 4.31 -21.99 -23.90
C LEU F 226 3.29 -23.07 -24.26
N ILE F 227 2.01 -22.70 -24.27
CA ILE F 227 0.93 -23.67 -24.32
C ILE F 227 0.81 -24.20 -25.75
N GLN F 228 0.77 -25.53 -25.86
CA GLN F 228 0.64 -26.26 -27.11
C GLN F 228 -0.85 -26.53 -27.35
N PRO F 229 -1.33 -26.62 -28.62
CA PRO F 229 -2.77 -26.72 -28.89
C PRO F 229 -3.42 -28.07 -28.63
N PHE F 230 -2.65 -29.07 -28.15
CA PHE F 230 -3.18 -30.41 -27.98
C PHE F 230 -2.78 -30.93 -26.61
N MET F 231 -3.51 -31.94 -26.12
CA MET F 231 -3.04 -32.76 -25.02
C MET F 231 -2.55 -34.09 -25.61
N PHE F 232 -1.30 -34.44 -25.27
CA PHE F 232 -0.68 -35.63 -25.83
C PHE F 232 -0.67 -36.70 -24.76
N ARG F 233 -1.05 -37.91 -25.18
CA ARG F 233 -0.95 -39.10 -24.37
C ARG F 233 -0.13 -40.16 -25.12
N LEU F 234 0.80 -40.77 -24.37
CA LEU F 234 1.72 -41.78 -24.88
C LEU F 234 1.66 -43.05 -24.02
N ASP F 235 1.79 -44.21 -24.67
CA ASP F 235 1.67 -45.49 -24.00
C ASP F 235 3.02 -45.85 -23.36
N ASN F 236 3.14 -47.10 -22.88
CA ASN F 236 4.30 -47.49 -22.09
C ASN F 236 5.50 -47.84 -22.97
N ARG F 237 5.42 -47.55 -24.27
CA ARG F 237 6.60 -47.46 -25.13
C ARG F 237 6.74 -46.04 -25.70
N TYR F 238 6.09 -45.07 -25.04
CA TYR F 238 6.10 -43.66 -25.42
C TYR F 238 5.67 -43.48 -26.86
N GLN F 239 4.67 -44.28 -27.28
CA GLN F 239 4.05 -44.13 -28.59
C GLN F 239 2.66 -43.53 -28.43
N PRO F 240 2.15 -42.78 -29.44
CA PRO F 240 0.77 -42.30 -29.45
C PRO F 240 -0.21 -43.35 -28.92
N MET F 241 -1.02 -42.94 -27.94
CA MET F 241 -1.89 -43.89 -27.26
C MET F 241 -3.31 -43.75 -27.82
N GLU F 242 -3.86 -44.88 -28.30
CA GLU F 242 -5.08 -44.83 -29.09
C GLU F 242 -6.30 -44.70 -28.17
N PRO F 243 -7.48 -44.36 -28.73
CA PRO F 243 -7.59 -43.79 -30.08
C PRO F 243 -7.63 -42.26 -30.10
N ASN F 244 -7.39 -41.61 -28.94
CA ASN F 244 -7.25 -40.15 -28.90
C ASN F 244 -5.89 -39.76 -28.33
N PRO F 245 -4.82 -39.83 -29.15
CA PRO F 245 -3.48 -39.46 -28.73
C PRO F 245 -3.24 -37.95 -28.59
N ARG F 246 -3.88 -37.18 -29.49
CA ARG F 246 -3.74 -35.73 -29.57
C ARG F 246 -5.11 -35.09 -29.43
N VAL F 247 -5.48 -34.68 -28.20
CA VAL F 247 -6.78 -34.07 -28.01
C VAL F 247 -6.65 -32.56 -28.08
N PRO F 248 -7.42 -31.86 -28.95
CA PRO F 248 -7.41 -30.40 -28.96
C PRO F 248 -7.70 -29.84 -27.57
N LEU F 249 -7.00 -28.75 -27.22
CA LEU F 249 -7.06 -28.22 -25.86
C LEU F 249 -8.49 -27.82 -25.50
N SER F 250 -9.24 -27.27 -26.48
CA SER F 250 -10.62 -26.85 -26.26
C SER F 250 -11.57 -28.03 -26.00
N ARG F 251 -11.08 -29.28 -25.95
CA ARG F 251 -11.90 -30.40 -25.49
C ARG F 251 -11.30 -31.07 -24.25
N VAL F 252 -10.36 -30.40 -23.57
CA VAL F 252 -9.78 -30.94 -22.34
C VAL F 252 -10.06 -30.03 -21.15
N PHE F 253 -10.50 -28.78 -21.36
CA PHE F 253 -10.75 -27.86 -20.24
C PHE F 253 -11.86 -28.44 -19.36
N PHE F 254 -11.57 -28.64 -18.07
CA PHE F 254 -12.50 -29.19 -17.09
C PHE F 254 -12.89 -30.63 -17.41
N ALA F 255 -12.13 -31.30 -18.29
CA ALA F 255 -12.47 -32.63 -18.73
C ALA F 255 -11.98 -33.66 -17.72
N SER F 256 -12.54 -33.61 -16.50
CA SER F 256 -12.07 -34.49 -15.44
C SER F 256 -12.31 -35.95 -15.82
N TRP F 257 -13.31 -36.21 -16.67
CA TRP F 257 -13.64 -37.56 -17.06
C TRP F 257 -12.48 -38.26 -17.77
N ARG F 258 -11.58 -37.49 -18.38
CA ARG F 258 -10.51 -38.05 -19.19
C ARG F 258 -9.47 -38.73 -18.32
N VAL F 259 -9.25 -38.21 -17.11
CA VAL F 259 -8.34 -38.80 -16.15
C VAL F 259 -8.94 -40.13 -15.65
N VAL F 260 -10.24 -40.10 -15.36
CA VAL F 260 -10.86 -41.21 -14.65
C VAL F 260 -11.08 -42.34 -15.63
N LEU F 261 -11.54 -42.02 -16.85
CA LEU F 261 -12.07 -43.01 -17.79
C LEU F 261 -11.18 -43.23 -19.02
N GLU F 262 -10.24 -42.34 -19.36
CA GLU F 262 -9.37 -42.54 -20.54
C GLU F 262 -7.91 -42.74 -20.14
N GLY F 263 -7.69 -43.43 -19.01
CA GLY F 263 -6.41 -44.08 -18.75
C GLY F 263 -5.59 -43.43 -17.63
N GLY F 264 -6.19 -42.65 -16.73
CA GLY F 264 -5.45 -42.21 -15.56
C GLY F 264 -4.34 -41.22 -15.94
N ILE F 265 -3.36 -41.03 -15.05
CA ILE F 265 -2.41 -39.95 -15.24
C ILE F 265 -1.18 -40.43 -16.02
N ASP F 266 -0.92 -41.74 -16.04
CA ASP F 266 0.34 -42.23 -16.61
C ASP F 266 0.53 -41.72 -18.05
N PRO F 267 -0.44 -41.90 -18.97
CA PRO F 267 -0.30 -41.42 -20.33
C PRO F 267 -0.02 -39.92 -20.46
N ILE F 268 -0.59 -39.12 -19.55
CA ILE F 268 -0.51 -37.67 -19.59
C ILE F 268 0.88 -37.21 -19.15
N LEU F 269 1.40 -37.83 -18.08
CA LEU F 269 2.73 -37.51 -17.59
C LEU F 269 3.78 -37.84 -18.64
N ARG F 270 3.61 -38.97 -19.34
CA ARG F 270 4.54 -39.37 -20.39
C ARG F 270 4.52 -38.35 -21.52
N GLY F 271 3.35 -37.79 -21.83
CA GLY F 271 3.22 -36.83 -22.92
C GLY F 271 3.83 -35.46 -22.57
N LEU F 272 3.81 -35.08 -21.29
CA LEU F 272 4.46 -33.85 -20.86
C LEU F 272 5.98 -34.02 -20.92
N MET F 273 6.47 -35.22 -20.62
CA MET F 273 7.90 -35.49 -20.59
C MET F 273 8.50 -35.56 -22.00
N ALA F 274 7.71 -36.05 -22.98
CA ALA F 274 8.24 -36.48 -24.26
C ALA F 274 7.69 -35.65 -25.41
N THR F 275 7.11 -34.49 -25.11
CA THR F 275 6.64 -33.55 -26.10
C THR F 275 7.33 -32.21 -25.84
N PRO F 276 7.70 -31.43 -26.88
CA PRO F 276 8.16 -30.06 -26.66
C PRO F 276 7.06 -29.08 -26.26
N ALA F 277 7.44 -28.11 -25.42
CA ALA F 277 6.64 -26.91 -25.23
C ALA F 277 6.56 -26.13 -26.54
N LYS F 278 5.58 -25.23 -26.63
CA LYS F 278 5.57 -24.22 -27.68
C LYS F 278 6.66 -23.19 -27.37
N LEU F 279 7.37 -22.76 -28.41
CA LEU F 279 8.30 -21.65 -28.28
C LEU F 279 7.56 -20.33 -28.47
N ASN F 280 7.85 -19.35 -27.60
CA ASN F 280 7.35 -17.99 -27.80
C ASN F 280 8.17 -17.33 -28.89
N ARG F 281 7.51 -16.94 -29.99
CA ARG F 281 8.14 -16.09 -31.00
C ARG F 281 7.27 -14.87 -31.19
N GLN F 282 7.86 -13.81 -31.75
CA GLN F 282 7.21 -12.50 -31.82
C GLN F 282 5.97 -12.55 -32.72
N ASN F 283 5.96 -13.42 -33.73
CA ASN F 283 4.83 -13.56 -34.63
C ASN F 283 4.10 -14.89 -34.42
N GLN F 284 4.34 -15.53 -33.26
CA GLN F 284 3.68 -16.75 -32.86
C GLN F 284 3.55 -16.72 -31.33
N ILE F 285 2.81 -15.73 -30.82
CA ILE F 285 2.79 -15.47 -29.38
C ILE F 285 1.98 -16.56 -28.66
N ALA F 286 0.74 -16.80 -29.12
CA ALA F 286 -0.23 -17.63 -28.39
C ALA F 286 -1.24 -18.29 -29.34
N VAL F 287 -1.58 -19.55 -29.07
CA VAL F 287 -2.40 -20.35 -29.97
C VAL F 287 -3.91 -20.09 -29.79
N ASP F 288 -4.64 -20.37 -30.88
CA ASP F 288 -6.07 -20.10 -30.98
C ASP F 288 -6.90 -21.05 -30.12
N GLU F 289 -6.34 -22.17 -29.67
CA GLU F 289 -7.03 -22.99 -28.69
C GLU F 289 -7.29 -22.23 -27.39
N ILE F 290 -6.40 -21.30 -26.98
CA ILE F 290 -6.63 -20.48 -25.80
C ILE F 290 -7.13 -19.09 -26.18
N ARG F 291 -6.87 -18.67 -27.42
CA ARG F 291 -7.20 -17.32 -27.84
C ARG F 291 -8.58 -17.24 -28.46
N GLU F 292 -9.10 -18.37 -28.98
CA GLU F 292 -10.40 -18.38 -29.63
C GLU F 292 -11.40 -19.27 -28.90
N ARG F 293 -10.93 -20.35 -28.27
CA ARG F 293 -11.84 -21.41 -27.85
C ARG F 293 -11.58 -21.78 -26.40
N LEU F 294 -11.10 -20.80 -25.63
CA LEU F 294 -10.86 -21.05 -24.22
C LEU F 294 -12.20 -21.31 -23.53
N PHE F 295 -12.30 -22.53 -23.01
CA PHE F 295 -13.41 -22.96 -22.16
C PHE F 295 -14.71 -22.99 -22.96
N GLU F 296 -14.65 -23.37 -24.24
CA GLU F 296 -15.78 -23.14 -25.13
C GLU F 296 -16.86 -24.20 -24.91
N GLN F 297 -16.46 -25.34 -24.31
CA GLN F 297 -17.37 -26.44 -24.01
C GLN F 297 -18.26 -26.15 -22.79
N VAL F 298 -17.88 -25.16 -21.96
CA VAL F 298 -18.55 -24.97 -20.69
C VAL F 298 -19.10 -23.55 -20.55
N MET F 299 -19.35 -22.86 -21.68
CA MET F 299 -19.68 -21.44 -21.63
C MET F 299 -20.37 -21.01 -22.93
N ARG F 300 -21.04 -19.86 -22.91
CA ARG F 300 -21.82 -19.44 -24.06
C ARG F 300 -20.89 -19.15 -25.24
N ILE F 301 -19.62 -18.83 -24.93
CA ILE F 301 -18.70 -18.35 -25.94
C ILE F 301 -17.27 -18.72 -25.56
N GLY F 302 -16.44 -18.99 -26.56
CA GLY F 302 -15.02 -19.21 -26.34
C GLY F 302 -14.35 -17.90 -25.91
N LEU F 303 -13.48 -17.99 -24.90
CA LEU F 303 -12.81 -16.80 -24.37
C LEU F 303 -11.51 -16.58 -25.12
N ASP F 304 -10.90 -15.43 -24.86
CA ASP F 304 -9.59 -15.06 -25.39
C ASP F 304 -8.65 -14.83 -24.21
N LEU F 305 -7.82 -15.82 -23.90
CA LEU F 305 -6.98 -15.75 -22.71
C LEU F 305 -6.02 -14.56 -22.77
N PRO F 306 -5.23 -14.35 -23.85
CA PRO F 306 -4.43 -13.13 -23.99
C PRO F 306 -5.20 -11.81 -23.79
N ALA F 307 -6.37 -11.70 -24.39
CA ALA F 307 -7.20 -10.51 -24.23
C ALA F 307 -7.68 -10.37 -22.79
N LEU F 308 -8.04 -11.46 -22.13
CA LEU F 308 -8.41 -11.44 -20.72
C LEU F 308 -7.22 -10.97 -19.88
N ASN F 309 -6.02 -11.43 -20.24
CA ASN F 309 -4.82 -10.99 -19.55
C ASN F 309 -4.74 -9.46 -19.55
N MET F 310 -4.99 -8.87 -20.73
CA MET F 310 -4.82 -7.43 -20.90
C MET F 310 -5.94 -6.66 -20.17
N GLN F 311 -7.17 -7.19 -20.25
CA GLN F 311 -8.30 -6.57 -19.56
C GLN F 311 -8.07 -6.63 -18.06
N ARG F 312 -7.52 -7.75 -17.59
CA ARG F 312 -7.26 -7.97 -16.17
C ARG F 312 -6.25 -6.94 -15.66
N SER F 313 -5.21 -6.67 -16.45
CA SER F 313 -4.19 -5.71 -16.03
C SER F 313 -4.84 -4.33 -15.85
N ARG F 314 -5.86 -4.03 -16.67
CA ARG F 314 -6.55 -2.74 -16.58
C ARG F 314 -7.48 -2.71 -15.37
N ASP F 315 -8.21 -3.82 -15.18
CA ASP F 315 -8.98 -4.08 -13.98
C ASP F 315 -8.15 -3.83 -12.71
N HIS F 316 -6.89 -4.30 -12.70
CA HIS F 316 -6.01 -4.16 -11.54
C HIS F 316 -5.24 -2.83 -11.50
N GLY F 317 -5.49 -1.93 -12.45
CA GLY F 317 -4.89 -0.60 -12.41
C GLY F 317 -3.35 -0.65 -12.53
N LEU F 318 -2.86 -1.59 -13.35
CA LEU F 318 -1.44 -1.79 -13.53
C LEU F 318 -0.89 -0.76 -14.50
N PRO F 319 0.23 -0.09 -14.12
CA PRO F 319 0.95 0.79 -15.02
C PRO F 319 1.39 0.06 -16.27
N GLY F 320 1.69 0.79 -17.34
CA GLY F 320 2.05 0.17 -18.59
C GLY F 320 3.55 -0.11 -18.70
N TYR F 321 3.94 -0.53 -19.91
CA TYR F 321 5.25 -1.10 -20.19
C TYR F 321 6.39 -0.22 -19.72
N ASN F 322 6.41 1.06 -20.11
CA ASN F 322 7.53 1.93 -19.83
C ASN F 322 7.72 2.13 -18.32
N ALA F 323 6.62 2.15 -17.57
CA ALA F 323 6.71 2.36 -16.14
C ALA F 323 7.37 1.15 -15.49
N TRP F 324 7.05 -0.05 -15.99
CA TRP F 324 7.67 -1.27 -15.48
C TRP F 324 9.13 -1.37 -15.92
N ARG F 325 9.45 -0.91 -17.14
CA ARG F 325 10.82 -0.84 -17.62
C ARG F 325 11.67 0.01 -16.67
N ARG F 326 11.09 1.15 -16.27
CA ARG F 326 11.74 2.12 -15.40
C ARG F 326 11.93 1.54 -14.00
N PHE F 327 10.87 0.92 -13.49
CA PHE F 327 10.97 0.18 -12.25
C PHE F 327 12.16 -0.78 -12.28
N CYS F 328 12.37 -1.47 -13.40
CA CYS F 328 13.39 -2.51 -13.49
C CYS F 328 14.79 -1.97 -13.79
N GLY F 329 14.92 -0.68 -14.10
CA GLY F 329 16.21 -0.10 -14.45
C GLY F 329 16.55 -0.33 -15.93
N LEU F 330 15.53 -0.54 -16.76
CA LEU F 330 15.72 -0.75 -18.19
C LEU F 330 15.34 0.52 -18.94
N PRO F 331 15.96 0.82 -20.10
CA PRO F 331 15.60 2.02 -20.87
C PRO F 331 14.16 1.99 -21.37
N GLN F 332 13.54 3.17 -21.44
CA GLN F 332 12.14 3.31 -21.81
C GLN F 332 12.01 3.90 -23.22
N PRO F 333 11.66 3.10 -24.23
CA PRO F 333 11.48 3.64 -25.59
C PRO F 333 10.30 4.59 -25.70
N GLU F 334 10.50 5.73 -26.35
CA GLU F 334 9.46 6.74 -26.50
C GLU F 334 8.92 6.73 -27.94
N THR F 335 9.78 6.43 -28.94
CA THR F 335 9.36 6.46 -30.34
C THR F 335 9.21 5.04 -30.90
N VAL F 336 8.71 4.93 -32.13
CA VAL F 336 8.56 3.64 -32.77
C VAL F 336 9.95 3.08 -33.10
N GLY F 337 10.89 3.94 -33.54
CA GLY F 337 12.27 3.55 -33.79
C GLY F 337 12.96 2.96 -32.56
N GLN F 338 12.77 3.61 -31.39
CA GLN F 338 13.37 3.16 -30.15
C GLN F 338 12.73 1.87 -29.66
N LEU F 339 11.40 1.79 -29.76
CA LEU F 339 10.69 0.56 -29.42
C LEU F 339 11.17 -0.57 -30.33
N GLY F 340 11.42 -0.26 -31.61
CA GLY F 340 11.96 -1.24 -32.55
C GLY F 340 13.27 -1.88 -32.06
N THR F 341 14.19 -1.02 -31.61
CA THR F 341 15.51 -1.42 -31.14
C THR F 341 15.39 -2.32 -29.91
N VAL F 342 14.54 -1.92 -28.97
CA VAL F 342 14.28 -2.67 -27.75
C VAL F 342 13.71 -4.06 -28.07
N LEU F 343 12.92 -4.18 -29.16
CA LEU F 343 12.27 -5.42 -29.50
C LEU F 343 13.00 -6.16 -30.62
N ARG F 344 14.04 -5.54 -31.18
CA ARG F 344 14.76 -6.14 -32.30
C ARG F 344 13.79 -6.43 -33.43
N ASN F 345 12.76 -5.59 -33.57
CA ASN F 345 11.65 -5.91 -34.45
C ASN F 345 10.85 -4.63 -34.65
N LEU F 346 11.15 -3.94 -35.75
CA LEU F 346 10.46 -2.70 -36.08
C LEU F 346 9.01 -2.98 -36.54
N LYS F 347 8.79 -4.15 -37.15
CA LYS F 347 7.44 -4.49 -37.60
C LYS F 347 6.51 -4.60 -36.38
N LEU F 348 6.89 -5.37 -35.37
CA LEU F 348 6.11 -5.53 -34.16
C LEU F 348 5.96 -4.19 -33.46
N ALA F 349 7.02 -3.36 -33.47
CA ALA F 349 6.98 -2.06 -32.84
C ALA F 349 5.95 -1.15 -33.51
N ARG F 350 5.85 -1.18 -34.85
CA ARG F 350 4.81 -0.43 -35.54
C ARG F 350 3.40 -0.92 -35.15
N LYS F 351 3.20 -2.24 -35.00
CA LYS F 351 1.89 -2.76 -34.66
C LYS F 351 1.53 -2.46 -33.21
N LEU F 352 2.52 -2.37 -32.31
CA LEU F 352 2.23 -1.99 -30.94
C LEU F 352 1.85 -0.51 -30.89
N MET F 353 2.53 0.34 -31.68
CA MET F 353 2.25 1.76 -31.68
C MET F 353 0.89 2.06 -32.32
N GLU F 354 0.53 1.31 -33.38
CA GLU F 354 -0.74 1.53 -34.06
C GLU F 354 -1.90 1.32 -33.06
N GLN F 355 -1.78 0.32 -32.16
CA GLN F 355 -2.78 0.06 -31.15
C GLN F 355 -2.69 1.04 -29.97
N TYR F 356 -1.47 1.21 -29.42
CA TYR F 356 -1.33 1.83 -28.11
C TYR F 356 -1.00 3.32 -28.20
N GLY F 357 -0.41 3.78 -29.31
CA GLY F 357 -0.08 5.19 -29.47
C GLY F 357 1.26 5.58 -28.85
N THR F 358 1.58 4.99 -27.67
CA THR F 358 2.83 5.23 -26.96
C THR F 358 3.24 3.93 -26.28
N PRO F 359 4.54 3.61 -26.11
CA PRO F 359 4.92 2.47 -25.30
C PRO F 359 4.58 2.65 -23.82
N ASN F 360 4.23 3.88 -23.41
CA ASN F 360 3.77 4.11 -22.05
C ASN F 360 2.51 3.29 -21.73
N ASN F 361 1.71 3.01 -22.76
CA ASN F 361 0.37 2.49 -22.58
C ASN F 361 0.29 1.00 -22.88
N ILE F 362 1.39 0.39 -23.32
CA ILE F 362 1.38 -1.02 -23.64
C ILE F 362 1.12 -1.80 -22.36
N ASP F 363 0.11 -2.68 -22.40
CA ASP F 363 -0.26 -3.50 -21.26
C ASP F 363 0.92 -4.39 -20.90
N ILE F 364 1.11 -4.59 -19.58
CA ILE F 364 2.31 -5.24 -19.10
C ILE F 364 2.44 -6.63 -19.72
N TRP F 365 1.37 -7.44 -19.79
CA TRP F 365 1.52 -8.77 -20.39
C TRP F 365 2.01 -8.67 -21.84
N MET F 366 1.32 -7.85 -22.64
CA MET F 366 1.61 -7.72 -24.07
C MET F 366 3.06 -7.28 -24.27
N GLY F 367 3.47 -6.23 -23.53
CA GLY F 367 4.84 -5.74 -23.57
C GLY F 367 5.87 -6.82 -23.22
N GLY F 368 5.63 -7.51 -22.11
CA GLY F 368 6.58 -8.47 -21.56
C GLY F 368 6.89 -9.61 -22.53
N VAL F 369 5.82 -10.21 -23.09
CA VAL F 369 5.93 -11.37 -23.96
C VAL F 369 6.47 -10.95 -25.33
N SER F 370 6.33 -9.67 -25.70
CA SER F 370 6.82 -9.16 -26.97
C SER F 370 8.36 -9.14 -27.00
N GLU F 371 8.99 -8.97 -25.84
CA GLU F 371 10.43 -8.77 -25.79
C GLU F 371 11.15 -10.04 -26.24
N PRO F 372 12.30 -9.92 -26.93
CA PRO F 372 13.16 -11.08 -27.17
C PRO F 372 13.68 -11.69 -25.87
N LEU F 373 13.93 -13.00 -25.92
CA LEU F 373 14.18 -13.81 -24.74
C LEU F 373 15.66 -13.71 -24.37
N LYS F 374 15.94 -13.75 -23.07
CA LYS F 374 17.31 -13.77 -22.59
C LYS F 374 18.00 -15.04 -23.08
N ARG F 375 19.32 -14.97 -23.26
CA ARG F 375 20.08 -16.16 -23.62
C ARG F 375 19.72 -17.29 -22.65
N LYS F 376 19.22 -18.40 -23.19
CA LYS F 376 18.95 -19.62 -22.43
C LYS F 376 17.82 -19.43 -21.42
N GLY F 377 16.94 -18.45 -21.65
CA GLY F 377 15.74 -18.24 -20.86
C GLY F 377 14.51 -18.14 -21.78
N ARG F 378 13.31 -18.07 -21.20
CA ARG F 378 12.09 -18.03 -22.00
C ARG F 378 11.25 -16.79 -21.69
N VAL F 379 11.87 -15.81 -21.00
CA VAL F 379 11.32 -14.46 -20.89
C VAL F 379 12.40 -13.47 -21.30
N GLY F 380 11.96 -12.25 -21.59
CA GLY F 380 12.87 -11.14 -21.81
C GLY F 380 13.24 -10.42 -20.50
N PRO F 381 14.03 -9.33 -20.57
CA PRO F 381 14.51 -8.64 -19.38
C PRO F 381 13.41 -8.04 -18.48
N LEU F 382 12.31 -7.55 -19.05
CA LEU F 382 11.27 -6.96 -18.23
C LEU F 382 10.64 -8.01 -17.35
N LEU F 383 10.18 -9.10 -17.95
CA LEU F 383 9.55 -10.17 -17.17
C LEU F 383 10.58 -10.86 -16.26
N ALA F 384 11.85 -10.90 -16.66
CA ALA F 384 12.85 -11.57 -15.84
C ALA F 384 13.03 -10.81 -14.52
N CYS F 385 13.02 -9.48 -14.62
CA CYS F 385 13.08 -8.61 -13.46
C CYS F 385 11.87 -8.82 -12.54
N ILE F 386 10.66 -8.81 -13.09
CA ILE F 386 9.47 -8.95 -12.26
C ILE F 386 9.45 -10.33 -11.61
N ILE F 387 9.74 -11.36 -12.42
CA ILE F 387 9.59 -12.73 -11.97
C ILE F 387 10.69 -13.04 -10.96
N GLY F 388 11.92 -12.63 -11.31
CA GLY F 388 13.08 -12.84 -10.45
C GLY F 388 12.97 -12.10 -9.11
N THR F 389 12.47 -10.86 -9.15
CA THR F 389 12.29 -10.08 -7.94
C THR F 389 11.31 -10.81 -7.03
N GLN F 390 10.14 -11.17 -7.56
CA GLN F 390 9.15 -11.91 -6.80
C GLN F 390 9.72 -13.17 -6.13
N PHE F 391 10.43 -14.03 -6.86
CA PHE F 391 10.84 -15.31 -6.33
C PHE F 391 11.94 -15.12 -5.27
N ARG F 392 12.73 -14.05 -5.42
CA ARG F 392 13.70 -13.73 -4.39
C ARG F 392 13.00 -13.40 -3.06
N LYS F 393 11.93 -12.63 -3.13
CA LYS F 393 11.14 -12.31 -1.96
C LYS F 393 10.49 -13.54 -1.32
N LEU F 394 9.98 -14.45 -2.14
CA LEU F 394 9.39 -15.69 -1.64
C LEU F 394 10.43 -16.56 -0.95
N ARG F 395 11.68 -16.51 -1.41
CA ARG F 395 12.75 -17.29 -0.81
C ARG F 395 13.25 -16.62 0.49
N ASP F 396 13.78 -15.41 0.37
CA ASP F 396 14.48 -14.76 1.47
C ASP F 396 13.52 -14.37 2.61
N GLY F 397 12.21 -14.23 2.31
CA GLY F 397 11.22 -13.80 3.30
C GLY F 397 10.36 -14.95 3.80
N ASP F 398 10.83 -16.19 3.58
CA ASP F 398 10.13 -17.37 4.04
C ASP F 398 10.89 -18.02 5.20
N ARG F 399 10.24 -18.03 6.38
CA ARG F 399 10.84 -18.52 7.60
C ARG F 399 11.00 -20.04 7.53
N PHE F 400 10.11 -20.68 6.78
CA PHE F 400 10.12 -22.12 6.64
C PHE F 400 10.79 -22.57 5.33
N TRP F 401 11.61 -21.71 4.72
CA TRP F 401 12.40 -22.12 3.57
C TRP F 401 13.27 -23.31 3.97
N TRP F 402 13.46 -24.27 3.04
CA TRP F 402 14.01 -25.57 3.38
C TRP F 402 15.48 -25.48 3.80
N GLU F 403 16.21 -24.47 3.31
CA GLU F 403 17.62 -24.33 3.63
C GLU F 403 17.84 -23.46 4.87
N ASN F 404 16.77 -22.83 5.37
CA ASN F 404 16.90 -21.93 6.52
C ASN F 404 17.35 -22.73 7.74
N GLU F 405 18.36 -22.22 8.46
CA GLU F 405 18.84 -22.84 9.68
C GLU F 405 17.63 -23.24 10.53
N GLY F 406 17.53 -24.53 10.85
CA GLY F 406 16.64 -25.00 11.91
C GLY F 406 15.37 -25.65 11.39
N VAL F 407 15.10 -25.52 10.08
CA VAL F 407 13.95 -26.14 9.47
C VAL F 407 14.21 -27.64 9.30
N PHE F 408 15.30 -27.97 8.60
CA PHE F 408 15.72 -29.35 8.44
C PHE F 408 17.14 -29.48 8.99
N SER F 409 17.51 -30.69 9.44
CA SER F 409 18.88 -30.94 9.85
C SER F 409 19.78 -31.02 8.61
N MET F 410 21.10 -31.04 8.86
CA MET F 410 22.05 -31.10 7.75
C MET F 410 21.87 -32.41 7.00
N GLN F 411 21.56 -33.49 7.74
CA GLN F 411 21.38 -34.79 7.12
C GLN F 411 20.10 -34.77 6.29
N GLN F 412 19.03 -34.20 6.84
CA GLN F 412 17.79 -34.06 6.10
C GLN F 412 18.01 -33.23 4.83
N ARG F 413 18.78 -32.13 4.89
CA ARG F 413 18.95 -31.32 3.70
CA ARG F 413 19.04 -31.29 3.73
C ARG F 413 19.68 -32.12 2.63
N GLN F 414 20.64 -32.96 3.04
CA GLN F 414 21.43 -33.74 2.12
C GLN F 414 20.54 -34.77 1.45
N ALA F 415 19.65 -35.39 2.22
CA ALA F 415 18.71 -36.33 1.65
C ALA F 415 17.83 -35.60 0.64
N LEU F 416 17.37 -34.39 1.01
CA LEU F 416 16.43 -33.64 0.18
C LEU F 416 17.07 -33.18 -1.13
N ALA F 417 18.40 -32.97 -1.15
CA ALA F 417 19.06 -32.55 -2.38
C ALA F 417 18.97 -33.64 -3.46
N GLN F 418 18.70 -34.88 -3.07
CA GLN F 418 18.67 -36.01 -4.00
C GLN F 418 17.33 -36.10 -4.73
N ILE F 419 16.36 -35.25 -4.39
CA ILE F 419 15.03 -35.39 -4.97
C ILE F 419 15.03 -34.78 -6.37
N SER F 420 14.04 -35.23 -7.16
CA SER F 420 13.80 -34.71 -8.48
C SER F 420 12.43 -35.16 -8.95
N LEU F 421 11.85 -34.41 -9.88
CA LEU F 421 10.50 -34.68 -10.33
C LEU F 421 10.42 -36.05 -11.00
N PRO F 422 11.38 -36.46 -11.86
CA PRO F 422 11.30 -37.80 -12.46
C PRO F 422 11.23 -38.91 -11.42
N ARG F 423 11.94 -38.73 -10.29
CA ARG F 423 11.95 -39.74 -9.24
C ARG F 423 10.56 -39.86 -8.62
N ILE F 424 9.91 -38.71 -8.42
CA ILE F 424 8.56 -38.64 -7.86
C ILE F 424 7.57 -39.35 -8.79
N ILE F 425 7.86 -39.31 -10.10
CA ILE F 425 7.00 -40.00 -11.06
C ILE F 425 7.21 -41.51 -10.95
N CYS F 426 8.46 -41.95 -10.89
CA CYS F 426 8.81 -43.33 -10.61
C CYS F 426 8.12 -43.86 -9.35
N ASP F 427 8.17 -43.08 -8.27
CA ASP F 427 7.71 -43.50 -6.96
C ASP F 427 6.18 -43.64 -6.91
N ASN F 428 5.43 -42.97 -7.81
CA ASN F 428 4.00 -42.82 -7.59
C ASN F 428 3.18 -43.09 -8.86
N THR F 429 3.77 -43.69 -9.89
CA THR F 429 3.02 -44.06 -11.08
C THR F 429 3.49 -45.42 -11.59
N GLY F 430 2.87 -45.89 -12.68
CA GLY F 430 3.27 -47.11 -13.36
C GLY F 430 4.31 -46.86 -14.46
N ILE F 431 4.84 -45.63 -14.54
CA ILE F 431 5.89 -45.34 -15.50
C ILE F 431 7.22 -45.82 -14.93
N THR F 432 8.02 -46.50 -15.78
CA THR F 432 9.34 -47.00 -15.39
C THR F 432 10.47 -46.28 -16.14
N THR F 433 10.16 -45.57 -17.23
CA THR F 433 11.16 -44.84 -17.99
C THR F 433 10.78 -43.34 -17.94
N VAL F 434 11.74 -42.47 -17.56
CA VAL F 434 11.45 -41.06 -17.31
C VAL F 434 12.57 -40.17 -17.86
N SER F 435 12.25 -38.88 -18.01
CA SER F 435 13.17 -37.85 -18.45
C SER F 435 14.43 -37.81 -17.58
N LYS F 436 15.57 -37.58 -18.24
CA LYS F 436 16.84 -37.54 -17.54
C LYS F 436 17.20 -36.09 -17.19
N ASN F 437 18.51 -35.89 -16.94
CA ASN F 437 19.16 -34.58 -16.82
C ASN F 437 18.15 -33.70 -16.14
N ASN F 438 17.72 -32.60 -16.81
CA ASN F 438 16.69 -31.71 -16.27
C ASN F 438 15.39 -32.04 -16.99
N ILE F 439 14.36 -32.38 -16.22
CA ILE F 439 13.06 -32.75 -16.76
C ILE F 439 12.47 -31.64 -17.63
N PHE F 440 12.85 -30.38 -17.40
CA PHE F 440 12.21 -29.26 -18.07
C PHE F 440 12.86 -28.96 -19.42
N MET F 441 14.02 -29.57 -19.67
CA MET F 441 14.79 -29.39 -20.90
C MET F 441 14.61 -30.64 -21.77
N SER F 442 14.84 -31.82 -21.15
CA SER F 442 14.64 -33.11 -21.80
C SER F 442 13.28 -33.12 -22.47
N ASN F 443 13.19 -33.55 -23.74
CA ASN F 443 11.89 -33.54 -24.39
C ASN F 443 11.73 -34.60 -25.49
N SER F 444 12.70 -35.52 -25.65
CA SER F 444 12.71 -36.42 -26.80
C SER F 444 13.03 -37.85 -26.41
N TYR F 445 12.05 -38.74 -26.63
CA TYR F 445 12.21 -40.18 -26.46
C TYR F 445 12.88 -40.78 -27.69
N PRO F 446 13.82 -41.76 -27.56
CA PRO F 446 14.34 -42.22 -26.27
C PRO F 446 15.60 -41.51 -25.75
N ARG F 447 16.21 -40.64 -26.58
CA ARG F 447 17.56 -40.13 -26.32
C ARG F 447 17.61 -39.42 -24.97
N ASP F 448 16.49 -38.85 -24.51
CA ASP F 448 16.50 -38.08 -23.27
C ASP F 448 15.89 -38.86 -22.11
N PHE F 449 15.95 -40.21 -22.12
CA PHE F 449 15.22 -41.00 -21.13
C PHE F 449 16.07 -42.09 -20.50
N VAL F 450 15.68 -42.50 -19.28
CA VAL F 450 16.38 -43.49 -18.48
C VAL F 450 15.37 -44.35 -17.72
N ASN F 451 15.78 -45.59 -17.38
CA ASN F 451 15.04 -46.46 -16.46
C ASN F 451 15.03 -45.83 -15.07
N CYS F 452 13.93 -46.01 -14.35
CA CYS F 452 13.74 -45.48 -13.01
C CYS F 452 14.80 -45.94 -12.02
N SER F 453 15.21 -47.22 -12.13
CA SER F 453 16.12 -47.81 -11.15
C SER F 453 17.48 -47.10 -11.14
N THR F 454 17.78 -46.26 -12.14
CA THR F 454 19.03 -45.52 -12.19
C THR F 454 18.95 -44.27 -11.31
N LEU F 455 17.75 -43.97 -10.80
CA LEU F 455 17.55 -42.75 -10.03
C LEU F 455 17.48 -43.12 -8.56
N PRO F 456 18.26 -42.43 -7.70
CA PRO F 456 18.25 -42.71 -6.28
C PRO F 456 16.95 -42.23 -5.66
N ALA F 457 16.34 -43.06 -4.79
CA ALA F 457 15.16 -42.67 -4.03
C ALA F 457 15.55 -41.61 -3.00
N LEU F 458 14.52 -41.01 -2.41
CA LEU F 458 14.66 -40.17 -1.24
C LEU F 458 14.79 -41.07 -0.02
N ASN F 459 15.91 -40.96 0.70
CA ASN F 459 16.17 -41.75 1.90
C ASN F 459 15.71 -41.00 3.16
N LEU F 460 14.76 -41.59 3.92
CA LEU F 460 14.16 -40.93 5.07
C LEU F 460 14.76 -41.37 6.41
N ALA F 461 15.93 -42.02 6.38
CA ALA F 461 16.64 -42.44 7.57
C ALA F 461 16.91 -41.28 8.55
N SER F 462 17.03 -40.03 8.05
CA SER F 462 17.33 -38.90 8.92
C SER F 462 16.06 -38.31 9.55
N TRP F 463 14.90 -38.93 9.30
CA TRP F 463 13.64 -38.59 9.94
C TRP F 463 13.32 -39.56 11.09
N ARG F 464 14.23 -40.49 11.38
CA ARG F 464 14.01 -41.44 12.46
C ARG F 464 14.09 -40.73 13.80
N GLU F 465 13.02 -40.88 14.61
CA GLU F 465 13.11 -40.91 16.07
C GLU F 465 13.17 -42.36 16.57
#